data_1RPQ
#
_entry.id   1RPQ
#
_cell.length_a   199.700
_cell.length_b   149.700
_cell.length_c   104.100
_cell.angle_alpha   90.00
_cell.angle_beta   90.00
_cell.angle_gamma   90.00
#
_symmetry.space_group_name_H-M   'C 2 2 21'
#
loop_
_entity.id
_entity.type
_entity.pdbx_description
1 polymer 'High affinity immunoglobulin epsilon receptor alpha-subunit precursor'
2 polymer 'Peptide E131'
3 branched 2-acetamido-2-deoxy-beta-D-glucopyranose-(1-4)-2-acetamido-2-deoxy-beta-D-glucopyranose-(1-4)-2-acetamido-2-deoxy-beta-D-glucopyranose
4 branched beta-D-mannopyranose-(1-3)-[beta-D-mannopyranose-(1-4)]beta-D-mannopyranose-(1-4)-2-acetamido-2-deoxy-beta-D-glucopyranose-(1-4)-2-acetamido-2-deoxy-beta-D-glucopyranose
5 branched beta-D-mannopyranose-(1-4)-2-acetamido-2-deoxy-beta-D-glucopyranose-(1-4)-2-acetamido-2-deoxy-beta-D-glucopyranose
6 branched 2-acetamido-2-deoxy-beta-D-glucopyranose-(1-4)-2-acetamido-2-deoxy-beta-D-glucopyranose
7 non-polymer 2-acetamido-2-deoxy-beta-D-glucopyranose
8 non-polymer 'SULFATE ION'
9 non-polymer 'CITRIC ACID'
#
loop_
_entity_poly.entity_id
_entity_poly.type
_entity_poly.pdbx_seq_one_letter_code
_entity_poly.pdbx_strand_id
1 'polypeptide(L)'
;VPQKPKVSLNPPWNRIFKGENVTLTCNGNNFFEVSSTKWFHNGSLSEETNSSLNIVNAKFEDSGEYKCQHQQVNESEPVY
LEVFSDWLLLQASAEVVMEGQPLFLRCHGWRNWDVYKVIYYKDGEALKYWYENHNISITNATVEDSGTYYCTGKVWQLDY
ESEPLNITVIKAPREK
;
A,B,C,D
2 'polypeptide(L)' VQCPHFCYELDYELCPDVCYV W,X,Y,Z
#
loop_
_chem_comp.id
_chem_comp.type
_chem_comp.name
_chem_comp.formula
BMA D-saccharide, beta linking beta-D-mannopyranose 'C6 H12 O6'
CIT non-polymer 'CITRIC ACID' 'C6 H8 O7'
NAG D-saccharide, beta linking 2-acetamido-2-deoxy-beta-D-glucopyranose 'C8 H15 N O6'
SO4 non-polymer 'SULFATE ION' 'O4 S -2'
#
# COMPACT_ATOMS: atom_id res chain seq x y z
N LYS A 4 -32.54 -10.07 19.35
CA LYS A 4 -31.53 -9.15 19.87
C LYS A 4 -30.45 -8.88 18.82
N PRO A 5 -30.53 -7.72 18.15
CA PRO A 5 -29.57 -7.33 17.12
C PRO A 5 -28.36 -6.62 17.72
N LYS A 6 -27.40 -6.25 16.87
CA LYS A 6 -26.21 -5.54 17.36
C LYS A 6 -25.51 -4.73 16.28
N VAL A 7 -25.28 -3.45 16.57
CA VAL A 7 -24.61 -2.57 15.62
C VAL A 7 -23.10 -2.77 15.64
N SER A 8 -22.49 -2.70 14.47
CA SER A 8 -21.04 -2.85 14.32
C SER A 8 -20.50 -1.73 13.44
N LEU A 9 -19.25 -1.36 13.68
CA LEU A 9 -18.65 -0.27 12.91
C LEU A 9 -17.59 -0.76 11.94
N ASN A 10 -17.44 -0.04 10.84
CA ASN A 10 -16.43 -0.38 9.84
C ASN A 10 -15.92 0.88 9.16
N PRO A 11 -14.69 1.30 9.49
CA PRO A 11 -13.75 0.69 10.44
C PRO A 11 -14.36 0.65 11.85
N PRO A 12 -13.84 -0.21 12.74
CA PRO A 12 -14.29 -0.41 14.14
C PRO A 12 -14.13 0.76 15.10
N TRP A 13 -13.48 1.82 14.64
CA TRP A 13 -13.22 2.97 15.49
C TRP A 13 -14.43 3.87 15.85
N ASN A 14 -14.81 3.87 17.14
CA ASN A 14 -15.91 4.71 17.69
C ASN A 14 -15.47 6.14 17.69
N ARG A 15 -14.17 6.38 17.79
CA ARG A 15 -13.63 7.72 17.81
C ARG A 15 -12.99 7.95 16.43
N ILE A 16 -13.34 9.08 15.79
CA ILE A 16 -12.83 9.39 14.47
C ILE A 16 -12.65 10.89 14.29
N PHE A 17 -11.98 11.27 13.22
CA PHE A 17 -11.73 12.66 12.91
C PHE A 17 -12.85 13.33 12.11
N LYS A 18 -12.91 14.65 12.22
CA LYS A 18 -13.88 15.42 11.50
C LYS A 18 -13.54 15.25 10.03
N GLY A 19 -14.46 14.69 9.27
CA GLY A 19 -14.22 14.53 7.85
C GLY A 19 -14.04 13.12 7.41
N GLU A 20 -13.89 12.21 8.36
CA GLU A 20 -13.70 10.82 8.02
C GLU A 20 -15.02 10.14 7.76
N ASN A 21 -14.95 8.87 7.40
CA ASN A 21 -16.14 8.10 7.07
C ASN A 21 -16.25 6.86 7.94
N VAL A 22 -17.48 6.50 8.28
CA VAL A 22 -17.72 5.30 9.07
C VAL A 22 -19.08 4.75 8.66
N THR A 23 -19.23 3.43 8.79
CA THR A 23 -20.44 2.74 8.42
C THR A 23 -20.93 1.82 9.54
N LEU A 24 -22.10 2.13 10.07
CA LEU A 24 -22.67 1.32 11.14
C LEU A 24 -23.53 0.25 10.49
N THR A 25 -23.34 -0.99 10.91
CA THR A 25 -24.08 -2.10 10.35
C THR A 25 -24.95 -2.76 11.41
N CYS A 26 -26.21 -3.01 11.07
CA CYS A 26 -27.15 -3.64 11.97
C CYS A 26 -27.01 -5.15 11.75
N ASN A 27 -26.58 -5.86 12.79
CA ASN A 27 -26.35 -7.30 12.78
C ASN A 27 -27.23 -8.06 11.77
N GLY A 28 -26.71 -8.25 10.57
CA GLY A 28 -27.44 -8.94 9.52
C GLY A 28 -27.36 -10.45 9.56
N ASN A 29 -28.42 -11.10 10.05
CA ASN A 29 -28.49 -12.56 10.14
C ASN A 29 -29.94 -13.04 10.02
N ASN A 30 -30.16 -14.33 10.30
CA ASN A 30 -31.49 -14.97 10.23
C ASN A 30 -31.95 -15.20 8.79
N VAL A 34 -35.02 -10.38 5.07
CA VAL A 34 -35.12 -8.96 4.73
C VAL A 34 -36.50 -8.42 5.10
N SER A 35 -36.54 -7.16 5.51
CA SER A 35 -37.78 -6.49 5.90
C SER A 35 -37.60 -4.98 5.98
N SER A 36 -36.89 -4.54 7.01
CA SER A 36 -36.62 -3.12 7.24
C SER A 36 -35.66 -2.97 8.41
N THR A 37 -35.03 -1.80 8.50
CA THR A 37 -34.08 -1.52 9.58
C THR A 37 -34.27 -0.08 10.05
N LYS A 38 -34.56 0.09 11.32
CA LYS A 38 -34.75 1.41 11.90
C LYS A 38 -33.49 1.93 12.59
N TRP A 39 -33.12 3.17 12.28
CA TRP A 39 -31.93 3.78 12.85
C TRP A 39 -32.26 4.96 13.76
N PHE A 40 -31.76 4.91 15.00
CA PHE A 40 -31.99 5.98 15.97
C PHE A 40 -30.71 6.73 16.34
N HIS A 41 -30.62 8.00 15.95
CA HIS A 41 -29.46 8.84 16.26
C HIS A 41 -29.83 9.85 17.32
N ASN A 42 -29.33 9.62 18.53
CA ASN A 42 -29.61 10.50 19.67
C ASN A 42 -31.09 10.43 20.07
N GLY A 43 -31.68 9.25 19.89
CA GLY A 43 -33.08 9.06 20.23
C GLY A 43 -34.02 9.30 19.06
N SER A 44 -33.65 10.20 18.16
CA SER A 44 -34.46 10.50 16.98
C SER A 44 -34.36 9.43 15.90
N LEU A 45 -35.44 9.19 15.18
CA LEU A 45 -35.44 8.20 14.11
C LEU A 45 -34.82 8.81 12.86
N SER A 46 -33.82 8.12 12.32
CA SER A 46 -33.14 8.59 11.11
C SER A 46 -33.87 8.11 9.86
N GLU A 47 -33.71 8.87 8.79
CA GLU A 47 -34.36 8.55 7.52
C GLU A 47 -33.73 7.36 6.78
N GLU A 48 -32.87 6.63 7.47
CA GLU A 48 -32.22 5.47 6.87
C GLU A 48 -33.02 4.19 7.11
N THR A 49 -33.09 3.35 6.09
CA THR A 49 -33.83 2.09 6.14
C THR A 49 -32.99 0.82 5.93
N ASN A 50 -31.81 0.97 5.33
CA ASN A 50 -30.91 -0.16 5.08
C ASN A 50 -30.27 -0.67 6.38
N SER A 51 -29.69 -1.87 6.33
CA SER A 51 -29.05 -2.44 7.50
C SER A 51 -27.71 -1.76 7.78
N SER A 52 -27.29 -0.89 6.87
CA SER A 52 -26.04 -0.16 7.00
C SER A 52 -26.20 1.34 6.81
N LEU A 53 -25.94 2.09 7.87
CA LEU A 53 -26.03 3.56 7.85
C LEU A 53 -24.64 4.11 7.54
N ASN A 54 -24.54 4.86 6.45
CA ASN A 54 -23.26 5.45 6.03
C ASN A 54 -23.02 6.89 6.45
N ILE A 55 -21.97 7.10 7.25
CA ILE A 55 -21.63 8.44 7.68
C ILE A 55 -20.46 8.88 6.78
N VAL A 56 -20.61 10.05 6.16
CA VAL A 56 -19.60 10.59 5.26
C VAL A 56 -19.22 12.01 5.67
N ASN A 57 -17.94 12.34 5.54
CA ASN A 57 -17.45 13.66 5.91
C ASN A 57 -17.87 14.05 7.31
N ALA A 58 -17.85 13.08 8.21
CA ALA A 58 -18.25 13.24 9.60
C ALA A 58 -18.10 14.63 10.18
N LYS A 59 -19.18 15.11 10.78
CA LYS A 59 -19.22 16.42 11.41
C LYS A 59 -19.39 16.14 12.89
N PHE A 60 -19.10 17.14 13.72
CA PHE A 60 -19.25 16.95 15.16
C PHE A 60 -20.65 16.47 15.45
N GLU A 61 -21.61 17.07 14.74
CA GLU A 61 -23.03 16.75 14.84
C GLU A 61 -23.30 15.24 14.77
N ASP A 62 -22.48 14.53 13.99
CA ASP A 62 -22.64 13.09 13.82
C ASP A 62 -22.30 12.26 15.04
N SER A 63 -21.69 12.90 16.03
CA SER A 63 -21.35 12.23 17.27
C SER A 63 -22.64 11.81 17.96
N GLY A 64 -22.55 10.90 18.92
CA GLY A 64 -23.75 10.50 19.63
C GLY A 64 -24.04 9.02 19.71
N GLU A 65 -25.22 8.72 20.24
CA GLU A 65 -25.70 7.37 20.41
C GLU A 65 -26.43 6.86 19.15
N TYR A 66 -26.14 5.63 18.75
CA TYR A 66 -26.79 5.02 17.60
C TYR A 66 -27.38 3.66 17.94
N LYS A 67 -28.58 3.40 17.43
CA LYS A 67 -29.28 2.13 17.65
C LYS A 67 -30.01 1.72 16.38
N CYS A 68 -30.17 0.42 16.20
CA CYS A 68 -30.90 -0.10 15.05
C CYS A 68 -31.97 -1.07 15.52
N GLN A 69 -33.07 -1.14 14.78
CA GLN A 69 -34.18 -2.01 15.13
C GLN A 69 -34.66 -2.82 13.92
N HIS A 70 -34.75 -4.14 14.11
CA HIS A 70 -35.20 -5.06 13.06
C HIS A 70 -36.62 -5.56 13.43
N GLN A 71 -36.99 -6.74 12.97
CA GLN A 71 -38.30 -7.31 13.28
C GLN A 71 -38.22 -8.21 14.51
N GLN A 72 -37.22 -7.96 15.35
CA GLN A 72 -37.00 -8.74 16.56
C GLN A 72 -37.51 -8.01 17.81
N VAL A 73 -38.49 -7.13 17.62
CA VAL A 73 -39.10 -6.34 18.69
C VAL A 73 -38.10 -5.41 19.38
N ASN A 74 -37.31 -5.98 20.29
CA ASN A 74 -36.30 -5.24 21.04
C ASN A 74 -35.30 -4.51 20.13
N GLU A 75 -34.78 -3.40 20.62
CA GLU A 75 -33.80 -2.59 19.90
C GLU A 75 -32.41 -3.12 20.22
N SER A 76 -31.42 -2.64 19.48
CA SER A 76 -30.03 -3.03 19.68
C SER A 76 -29.40 -2.23 20.82
N GLU A 77 -28.28 -2.72 21.33
CA GLU A 77 -27.59 -2.00 22.40
C GLU A 77 -26.99 -0.73 21.79
N PRO A 78 -26.92 0.36 22.57
CA PRO A 78 -26.38 1.62 22.09
C PRO A 78 -24.90 1.53 21.71
N VAL A 79 -24.54 2.31 20.69
CA VAL A 79 -23.18 2.38 20.20
C VAL A 79 -22.88 3.86 20.13
N TYR A 80 -21.84 4.31 20.85
CA TYR A 80 -21.50 5.72 20.88
C TYR A 80 -20.35 6.06 19.95
N LEU A 81 -20.58 7.09 19.13
CA LEU A 81 -19.60 7.55 18.15
C LEU A 81 -19.16 8.97 18.49
N GLU A 82 -17.86 9.22 18.54
CA GLU A 82 -17.40 10.55 18.86
C GLU A 82 -16.45 11.15 17.79
N VAL A 83 -16.73 12.37 17.37
CA VAL A 83 -15.96 13.03 16.34
C VAL A 83 -15.00 14.07 16.90
N PHE A 84 -13.71 13.89 16.64
CA PHE A 84 -12.69 14.81 17.13
C PHE A 84 -12.06 15.63 16.03
N SER A 85 -11.25 16.61 16.44
CA SER A 85 -10.52 17.45 15.50
C SER A 85 -9.24 17.95 16.16
N ASP A 86 -8.24 17.07 16.20
CA ASP A 86 -6.94 17.32 16.83
C ASP A 86 -5.82 16.75 15.92
N TRP A 87 -4.57 16.73 16.39
CA TRP A 87 -3.46 16.19 15.59
C TRP A 87 -3.40 14.66 15.62
N LEU A 88 -3.48 14.09 16.81
CA LEU A 88 -3.44 12.63 16.96
C LEU A 88 -4.63 12.25 17.77
N LEU A 89 -5.23 11.12 17.43
CA LEU A 89 -6.41 10.62 18.09
C LEU A 89 -6.21 9.14 18.40
N LEU A 90 -6.25 8.78 19.66
CA LEU A 90 -6.09 7.40 20.05
C LEU A 90 -7.35 6.65 19.75
N GLN A 91 -7.25 5.65 18.88
CA GLN A 91 -8.42 4.87 18.53
C GLN A 91 -8.37 3.51 19.17
N ALA A 92 -9.51 3.02 19.63
CA ALA A 92 -9.59 1.69 20.26
C ALA A 92 -10.64 0.82 19.58
N SER A 93 -10.32 -0.45 19.40
CA SER A 93 -11.24 -1.39 18.78
C SER A 93 -12.50 -1.49 19.63
N ALA A 94 -12.36 -1.17 20.92
CA ALA A 94 -13.44 -1.21 21.89
C ALA A 94 -12.94 -0.59 23.20
N GLU A 95 -13.82 0.11 23.90
CA GLU A 95 -13.47 0.75 25.17
C GLU A 95 -13.86 -0.06 26.39
N VAL A 96 -14.57 -1.16 26.14
CA VAL A 96 -14.99 -2.06 27.22
C VAL A 96 -14.77 -3.44 26.60
N VAL A 97 -13.67 -4.06 27.01
CA VAL A 97 -13.29 -5.36 26.50
C VAL A 97 -13.54 -6.43 27.54
N MET A 98 -13.86 -7.62 27.06
CA MET A 98 -14.13 -8.76 27.92
C MET A 98 -12.83 -9.54 28.02
N GLU A 99 -12.39 -9.83 29.24
CA GLU A 99 -11.15 -10.58 29.47
C GLU A 99 -11.07 -11.79 28.55
N GLY A 100 -10.01 -11.84 27.77
CA GLY A 100 -9.81 -12.96 26.86
C GLY A 100 -9.86 -12.60 25.40
N GLN A 101 -10.53 -11.50 25.07
CA GLN A 101 -10.61 -11.07 23.67
C GLN A 101 -9.54 -10.02 23.34
N PRO A 102 -9.28 -9.80 22.04
CA PRO A 102 -8.27 -8.83 21.63
C PRO A 102 -8.66 -7.36 21.78
N LEU A 103 -7.65 -6.53 21.98
CA LEU A 103 -7.82 -5.08 22.12
C LEU A 103 -6.83 -4.44 21.16
N PHE A 104 -7.34 -3.58 20.27
CA PHE A 104 -6.49 -2.89 19.30
C PHE A 104 -6.49 -1.38 19.48
N LEU A 105 -5.29 -0.81 19.56
CA LEU A 105 -5.16 0.63 19.73
C LEU A 105 -4.37 1.18 18.57
N ARG A 106 -4.76 2.35 18.10
CA ARG A 106 -4.14 2.97 16.95
C ARG A 106 -3.94 4.45 17.21
N CYS A 107 -2.71 4.94 17.10
CA CYS A 107 -2.41 6.36 17.32
C CYS A 107 -2.57 7.10 15.99
N HIS A 108 -3.83 7.32 15.65
CA HIS A 108 -4.25 7.96 14.41
C HIS A 108 -3.93 9.43 14.19
N GLY A 109 -3.31 9.74 13.06
CA GLY A 109 -2.94 11.12 12.75
C GLY A 109 -3.91 11.86 11.85
N TRP A 110 -4.01 13.16 12.09
CA TRP A 110 -4.87 14.06 11.33
C TRP A 110 -4.70 13.85 9.83
N ARG A 111 -5.79 13.97 9.08
CA ARG A 111 -5.78 13.80 7.63
C ARG A 111 -4.86 12.67 7.17
N ASN A 112 -4.71 11.63 8.00
CA ASN A 112 -3.86 10.47 7.71
C ASN A 112 -2.40 10.81 7.58
N TRP A 113 -2.07 12.08 7.79
CA TRP A 113 -0.68 12.54 7.71
C TRP A 113 0.22 11.63 8.54
N ASP A 114 1.49 11.55 8.14
CA ASP A 114 2.49 10.69 8.80
C ASP A 114 2.79 10.97 10.27
N VAL A 115 2.85 9.92 11.10
CA VAL A 115 3.23 10.12 12.50
C VAL A 115 4.52 9.34 12.76
N TYR A 116 5.54 10.00 13.31
CA TYR A 116 6.79 9.30 13.62
C TYR A 116 7.04 9.38 15.13
N LYS A 117 7.97 8.57 15.63
CA LYS A 117 8.31 8.56 17.06
C LYS A 117 7.03 8.37 17.86
N VAL A 118 6.24 7.37 17.50
CA VAL A 118 5.00 7.10 18.21
C VAL A 118 5.24 6.38 19.51
N ILE A 119 4.70 6.92 20.60
CA ILE A 119 4.82 6.28 21.90
C ILE A 119 3.42 6.13 22.48
N TYR A 120 3.10 4.93 22.97
CA TYR A 120 1.80 4.67 23.59
C TYR A 120 2.00 4.61 25.08
N TYR A 121 1.19 5.36 25.82
CA TYR A 121 1.29 5.38 27.27
C TYR A 121 0.04 4.78 27.92
N LYS A 122 0.20 4.25 29.13
CA LYS A 122 -0.89 3.69 29.93
C LYS A 122 -0.67 4.15 31.36
N ASP A 123 -1.61 4.91 31.89
CA ASP A 123 -1.53 5.41 33.26
C ASP A 123 -0.25 6.21 33.48
N GLY A 124 0.19 6.92 32.44
CA GLY A 124 1.39 7.73 32.56
C GLY A 124 2.67 7.03 32.18
N GLU A 125 2.63 5.71 31.99
CA GLU A 125 3.82 4.97 31.62
C GLU A 125 3.92 4.65 30.14
N ALA A 126 5.10 4.88 29.57
CA ALA A 126 5.37 4.60 28.18
C ALA A 126 5.42 3.09 27.96
N LEU A 127 4.46 2.55 27.21
CA LEU A 127 4.42 1.11 26.94
C LEU A 127 5.30 0.66 25.79
N LYS A 128 5.15 1.32 24.64
CA LYS A 128 5.92 0.98 23.44
C LYS A 128 6.31 2.19 22.63
N TYR A 129 7.39 2.03 21.87
CA TYR A 129 7.89 3.06 20.99
C TYR A 129 8.03 2.45 19.62
N TRP A 130 7.79 3.26 18.59
CA TRP A 130 7.92 2.83 17.21
C TRP A 130 8.37 4.02 16.43
N TYR A 131 9.26 3.80 15.48
CA TYR A 131 9.73 4.92 14.70
C TYR A 131 8.64 5.26 13.65
N GLU A 132 8.25 4.25 12.90
CA GLU A 132 7.22 4.40 11.91
C GLU A 132 5.94 4.14 12.69
N ASN A 133 4.88 4.87 12.38
CA ASN A 133 3.64 4.67 13.11
C ASN A 133 3.24 3.21 13.05
N HIS A 134 2.76 2.70 14.17
CA HIS A 134 2.39 1.31 14.26
C HIS A 134 1.29 1.14 15.31
N ASN A 135 0.39 0.19 15.06
CA ASN A 135 -0.70 -0.04 15.98
C ASN A 135 -0.20 -0.89 17.14
N ILE A 136 -0.86 -0.79 18.29
CA ILE A 136 -0.48 -1.60 19.42
C ILE A 136 -1.60 -2.62 19.56
N SER A 137 -1.23 -3.89 19.68
CA SER A 137 -2.23 -4.93 19.75
C SER A 137 -2.13 -5.87 20.95
N ILE A 138 -3.16 -5.86 21.78
CA ILE A 138 -3.23 -6.71 22.97
C ILE A 138 -4.03 -7.97 22.63
N THR A 139 -3.31 -9.03 22.26
CA THR A 139 -3.90 -10.30 21.86
C THR A 139 -4.87 -10.94 22.86
N ASN A 140 -4.47 -11.01 24.14
CA ASN A 140 -5.31 -11.59 25.20
C ASN A 140 -5.52 -10.54 26.28
N ALA A 141 -6.65 -9.85 26.22
CA ALA A 141 -6.97 -8.80 27.18
C ALA A 141 -7.03 -9.30 28.61
N THR A 142 -6.37 -8.56 29.50
CA THR A 142 -6.31 -8.89 30.92
C THR A 142 -6.89 -7.73 31.70
N VAL A 143 -7.42 -8.01 32.89
CA VAL A 143 -7.98 -6.96 33.74
C VAL A 143 -6.88 -5.93 34.04
N GLU A 144 -5.65 -6.39 34.06
CA GLU A 144 -4.50 -5.53 34.32
C GLU A 144 -4.37 -4.50 33.20
N ASP A 145 -4.80 -4.89 32.00
CA ASP A 145 -4.74 -4.03 30.83
C ASP A 145 -5.68 -2.83 30.88
N SER A 146 -6.43 -2.70 31.96
CA SER A 146 -7.32 -1.57 32.13
C SER A 146 -6.49 -0.35 32.46
N GLY A 147 -7.06 0.83 32.29
CA GLY A 147 -6.32 2.04 32.56
C GLY A 147 -6.56 3.10 31.50
N THR A 148 -5.96 4.27 31.69
CA THR A 148 -6.14 5.34 30.72
C THR A 148 -4.93 5.40 29.79
N TYR A 149 -5.19 5.21 28.51
CA TYR A 149 -4.16 5.21 27.48
C TYR A 149 -4.15 6.50 26.69
N TYR A 150 -3.02 6.77 26.06
CA TYR A 150 -2.84 7.93 25.19
C TYR A 150 -1.53 7.74 24.44
N CYS A 151 -1.29 8.53 23.41
CA CYS A 151 -0.07 8.41 22.62
C CYS A 151 0.45 9.77 22.25
N THR A 152 1.71 9.80 21.83
CA THR A 152 2.35 11.03 21.39
C THR A 152 3.08 10.67 20.11
N GLY A 153 3.33 11.66 19.26
CA GLY A 153 4.00 11.40 18.02
C GLY A 153 4.40 12.69 17.35
N LYS A 154 5.02 12.60 16.17
CA LYS A 154 5.43 13.82 15.49
C LYS A 154 4.90 14.00 14.08
N VAL A 155 4.05 15.00 13.90
CA VAL A 155 3.49 15.30 12.61
C VAL A 155 4.05 16.62 12.10
N TRP A 156 4.58 16.61 10.88
CA TRP A 156 5.16 17.81 10.30
C TRP A 156 6.35 18.32 11.13
N GLN A 157 7.06 17.39 11.75
CA GLN A 157 8.25 17.68 12.57
C GLN A 157 7.99 18.18 13.98
N LEU A 158 6.72 18.41 14.31
CA LEU A 158 6.32 18.92 15.63
C LEU A 158 5.76 17.84 16.54
N ASP A 159 5.89 18.04 17.85
CA ASP A 159 5.37 17.05 18.79
C ASP A 159 3.94 17.33 19.23
N TYR A 160 3.15 16.25 19.24
CA TYR A 160 1.75 16.35 19.61
C TYR A 160 1.35 15.21 20.54
N GLU A 161 0.37 15.46 21.40
CA GLU A 161 -0.12 14.46 22.32
C GLU A 161 -1.60 14.25 22.04
N SER A 162 -2.08 13.06 22.30
CA SER A 162 -3.48 12.76 22.06
C SER A 162 -4.27 12.83 23.34
N GLU A 163 -5.56 13.07 23.23
CA GLU A 163 -6.43 13.11 24.39
C GLU A 163 -6.41 11.70 24.97
N PRO A 164 -6.49 11.60 26.29
CA PRO A 164 -6.49 10.28 26.93
C PRO A 164 -7.81 9.54 26.72
N LEU A 165 -7.76 8.23 26.84
CA LEU A 165 -8.93 7.39 26.66
C LEU A 165 -8.96 6.28 27.69
N ASN A 166 -10.06 6.19 28.43
CA ASN A 166 -10.23 5.18 29.46
C ASN A 166 -10.64 3.86 28.82
N ILE A 167 -9.88 2.82 29.11
CA ILE A 167 -10.16 1.49 28.60
C ILE A 167 -10.29 0.55 29.77
N THR A 168 -11.39 -0.19 29.81
CA THR A 168 -11.64 -1.12 30.90
C THR A 168 -11.82 -2.56 30.42
N VAL A 169 -11.11 -3.46 31.07
CA VAL A 169 -11.18 -4.88 30.76
C VAL A 169 -11.82 -5.62 31.93
N ILE A 170 -13.06 -6.07 31.74
CA ILE A 170 -13.81 -6.79 32.76
C ILE A 170 -13.68 -8.29 32.57
N LYS A 171 -14.39 -9.09 33.37
CA LYS A 171 -14.33 -10.53 33.21
C LYS A 171 -15.43 -11.05 32.29
N LYS B 4 26.99 9.13 -26.45
CA LYS B 4 26.36 9.84 -25.34
C LYS B 4 25.10 9.23 -24.68
N PRO B 5 24.42 8.24 -25.34
CA PRO B 5 23.23 7.64 -24.73
C PRO B 5 23.53 6.96 -23.40
N LYS B 6 22.53 6.33 -22.78
CA LYS B 6 22.78 5.69 -21.49
C LYS B 6 21.64 4.82 -20.99
N VAL B 7 21.97 3.59 -20.62
CA VAL B 7 20.97 2.64 -20.13
C VAL B 7 20.62 2.90 -18.67
N SER B 8 19.35 2.75 -18.34
CA SER B 8 18.86 2.95 -16.98
C SER B 8 17.97 1.78 -16.59
N LEU B 9 17.92 1.48 -15.30
CA LEU B 9 17.13 0.36 -14.82
C LEU B 9 15.90 0.79 -14.04
N ASN B 10 14.86 -0.02 -14.10
CA ASN B 10 13.64 0.27 -13.37
C ASN B 10 12.95 -1.03 -12.96
N PRO B 11 13.02 -1.36 -11.67
CA PRO B 11 13.67 -0.63 -10.57
C PRO B 11 15.18 -0.49 -10.84
N PRO B 12 15.84 0.48 -10.19
CA PRO B 12 17.28 0.80 -10.31
C PRO B 12 18.28 -0.28 -9.86
N TRP B 13 17.77 -1.35 -9.27
CA TRP B 13 18.63 -2.40 -8.76
C TRP B 13 19.33 -3.30 -9.78
N ASN B 14 20.65 -3.20 -9.83
CA ASN B 14 21.52 -4.01 -10.70
C ASN B 14 21.43 -5.44 -10.24
N ARG B 15 21.39 -5.61 -8.92
CA ARG B 15 21.35 -6.92 -8.30
C ARG B 15 19.90 -7.26 -8.00
N ILE B 16 19.46 -8.45 -8.40
CA ILE B 16 18.08 -8.86 -8.20
C ILE B 16 17.98 -10.36 -7.99
N PHE B 17 16.82 -10.80 -7.53
CA PHE B 17 16.58 -12.23 -7.27
C PHE B 17 16.11 -13.01 -8.50
N LYS B 18 16.35 -14.31 -8.44
CA LYS B 18 15.94 -15.19 -9.51
C LYS B 18 14.43 -15.16 -9.54
N GLY B 19 13.86 -14.70 -10.63
CA GLY B 19 12.42 -14.68 -10.72
C GLY B 19 11.84 -13.30 -10.75
N GLU B 20 12.65 -12.30 -10.44
CA GLU B 20 12.16 -10.94 -10.43
C GLU B 20 12.16 -10.33 -11.82
N ASN B 21 11.68 -9.10 -11.92
CA ASN B 21 11.59 -8.42 -13.19
C ASN B 21 12.35 -7.11 -13.18
N VAL B 22 12.93 -6.77 -14.31
CA VAL B 22 13.66 -5.52 -14.45
C VAL B 22 13.53 -5.06 -15.89
N THR B 23 13.60 -3.74 -16.07
CA THR B 23 13.46 -3.15 -17.39
C THR B 23 14.58 -2.14 -17.66
N LEU B 24 15.41 -2.45 -18.66
CA LEU B 24 16.50 -1.57 -19.02
C LEU B 24 15.97 -0.61 -20.09
N THR B 25 16.24 0.68 -19.88
CA THR B 25 15.78 1.70 -20.80
C THR B 25 16.97 2.42 -21.44
N CYS B 26 16.90 2.58 -22.76
CA CYS B 26 17.95 3.26 -23.50
C CYS B 26 17.57 4.75 -23.54
N ASN B 27 18.46 5.66 -23.14
CA ASN B 27 18.11 7.09 -23.17
C ASN B 27 17.38 7.52 -24.47
N GLY B 28 16.08 7.77 -24.33
CA GLY B 28 15.24 8.16 -25.45
C GLY B 28 15.37 9.59 -25.95
N ASN B 29 16.24 9.79 -26.95
CA ASN B 29 16.45 11.11 -27.53
C ASN B 29 15.63 11.28 -28.80
N VAL B 34 12.13 8.64 -33.51
CA VAL B 34 11.81 7.21 -33.56
C VAL B 34 12.57 6.53 -34.69
N SER B 35 13.59 5.74 -34.35
CA SER B 35 14.33 5.05 -35.41
C SER B 35 14.49 3.56 -35.12
N SER B 36 15.36 3.26 -34.16
CA SER B 36 15.64 1.88 -33.75
C SER B 36 16.56 1.88 -32.54
N THR B 37 16.59 0.76 -31.83
CA THR B 37 17.43 0.62 -30.65
C THR B 37 18.05 -0.78 -30.63
N LYS B 38 19.37 -0.83 -30.60
CA LYS B 38 20.09 -2.11 -30.59
C LYS B 38 20.49 -2.50 -29.17
N TRP B 39 20.20 -3.74 -28.80
CA TRP B 39 20.54 -4.25 -27.47
C TRP B 39 21.59 -5.35 -27.50
N PHE B 40 22.66 -5.16 -26.74
CA PHE B 40 23.75 -6.15 -26.67
C PHE B 40 23.87 -6.80 -25.29
N HIS B 41 23.57 -8.09 -25.21
CA HIS B 41 23.66 -8.85 -23.97
C HIS B 41 24.88 -9.78 -24.02
N ASN B 42 25.92 -9.41 -23.26
CA ASN B 42 27.16 -10.18 -23.22
C ASN B 42 27.88 -10.13 -24.57
N GLY B 43 27.76 -9.00 -25.25
CA GLY B 43 28.38 -8.84 -26.55
C GLY B 43 27.50 -9.23 -27.72
N SER B 44 26.60 -10.19 -27.51
CA SER B 44 25.69 -10.66 -28.56
C SER B 44 24.53 -9.67 -28.76
N LEU B 45 24.06 -9.57 -30.00
CA LEU B 45 22.95 -8.68 -30.31
C LEU B 45 21.63 -9.37 -29.95
N SER B 46 20.82 -8.69 -29.16
CA SER B 46 19.53 -9.23 -28.74
C SER B 46 18.46 -8.93 -29.77
N GLU B 47 17.43 -9.77 -29.81
CA GLU B 47 16.34 -9.61 -30.75
C GLU B 47 15.38 -8.48 -30.39
N GLU B 48 15.78 -7.63 -29.44
CA GLU B 48 14.94 -6.51 -29.03
C GLU B 48 15.27 -5.26 -29.83
N THR B 49 14.22 -4.52 -30.18
CA THR B 49 14.35 -3.28 -30.97
C THR B 49 13.84 -2.01 -30.28
N ASN B 50 12.99 -2.18 -29.26
CA ASN B 50 12.44 -1.04 -28.51
C ASN B 50 13.50 -0.38 -27.62
N SER B 51 13.22 0.83 -27.15
CA SER B 51 14.16 1.55 -26.30
C SER B 51 14.18 0.96 -24.89
N SER B 52 13.26 0.01 -24.64
CA SER B 52 13.16 -0.64 -23.35
C SER B 52 13.13 -2.15 -23.47
N LEU B 53 14.16 -2.80 -22.91
CA LEU B 53 14.29 -4.25 -22.90
C LEU B 53 13.71 -4.77 -21.59
N ASN B 54 12.68 -5.62 -21.69
CA ASN B 54 12.02 -6.18 -20.52
C ASN B 54 12.49 -7.57 -20.09
N ILE B 55 13.05 -7.66 -18.89
CA ILE B 55 13.49 -8.95 -18.36
C ILE B 55 12.39 -9.43 -17.41
N VAL B 56 11.92 -10.64 -17.62
CA VAL B 56 10.85 -11.22 -16.82
C VAL B 56 11.28 -12.58 -16.27
N ASN B 57 10.89 -12.87 -15.03
CA ASN B 57 11.23 -14.12 -14.37
C ASN B 57 12.71 -14.39 -14.44
N ALA B 58 13.50 -13.33 -14.28
CA ALA B 58 14.95 -13.38 -14.33
C ALA B 58 15.59 -14.71 -13.96
N LYS B 59 16.47 -15.17 -14.85
CA LYS B 59 17.19 -16.42 -14.66
C LYS B 59 18.65 -16.01 -14.49
N PHE B 60 19.47 -16.91 -13.97
CA PHE B 60 20.88 -16.59 -13.79
C PHE B 60 21.46 -16.15 -15.12
N GLU B 61 21.05 -16.85 -16.17
CA GLU B 61 21.46 -16.58 -17.55
C GLU B 61 21.32 -15.10 -17.91
N ASP B 62 20.30 -14.43 -17.36
CA ASP B 62 20.06 -13.01 -17.63
C ASP B 62 21.09 -12.07 -17.09
N SER B 63 21.95 -12.59 -16.22
CA SER B 63 23.03 -11.78 -15.64
C SER B 63 23.96 -11.35 -16.76
N GLY B 64 24.80 -10.36 -16.51
CA GLY B 64 25.72 -9.93 -17.54
C GLY B 64 25.75 -8.48 -17.90
N GLU B 65 26.51 -8.18 -18.95
CA GLU B 65 26.68 -6.83 -19.46
C GLU B 65 25.61 -6.48 -20.48
N TYR B 66 25.04 -5.27 -20.38
CA TYR B 66 24.02 -4.81 -21.31
C TYR B 66 24.39 -3.45 -21.89
N LYS B 67 24.14 -3.28 -23.18
CA LYS B 67 24.42 -2.03 -23.89
C LYS B 67 23.34 -1.79 -24.92
N CYS B 68 23.09 -0.51 -25.20
CA CYS B 68 22.09 -0.14 -26.21
C CYS B 68 22.73 0.83 -27.21
N GLN B 69 22.25 0.78 -28.45
CA GLN B 69 22.79 1.63 -29.51
C GLN B 69 21.67 2.30 -30.30
N HIS B 70 21.86 3.59 -30.58
CA HIS B 70 20.90 4.39 -31.35
C HIS B 70 21.59 4.87 -32.66
N GLN B 71 21.13 5.98 -33.21
CA GLN B 71 21.73 6.52 -34.43
C GLN B 71 22.84 7.52 -34.13
N GLN B 72 23.33 7.48 -32.89
CA GLN B 72 24.38 8.38 -32.43
C GLN B 72 25.77 7.73 -32.58
N VAL B 73 25.87 6.77 -33.50
CA VAL B 73 27.12 6.04 -33.78
C VAL B 73 27.62 5.24 -32.59
N ASN B 74 28.20 5.93 -31.61
CA ASN B 74 28.74 5.31 -30.40
C ASN B 74 27.68 4.55 -29.59
N GLU B 75 28.14 3.51 -28.90
CA GLU B 75 27.28 2.69 -28.07
C GLU B 75 27.22 3.29 -26.68
N SER B 76 26.30 2.80 -25.86
CA SER B 76 26.14 3.27 -24.49
C SER B 76 27.16 2.60 -23.57
N GLU B 77 27.36 3.18 -22.38
CA GLU B 77 28.27 2.59 -21.42
C GLU B 77 27.66 1.31 -20.90
N PRO B 78 28.49 0.30 -20.59
CA PRO B 78 28.00 -0.99 -20.08
C PRO B 78 27.27 -0.87 -18.75
N VAL B 79 26.27 -1.71 -18.59
CA VAL B 79 25.47 -1.78 -17.36
C VAL B 79 25.47 -3.25 -17.00
N TYR B 80 25.95 -3.57 -15.81
CA TYR B 80 26.02 -4.96 -15.37
C TYR B 80 24.88 -5.36 -14.45
N LEU B 81 24.22 -6.46 -14.79
CA LEU B 81 23.09 -6.97 -14.02
C LEU B 81 23.43 -8.32 -13.44
N GLU B 82 23.18 -8.51 -12.15
CA GLU B 82 23.50 -9.80 -11.54
C GLU B 82 22.29 -10.45 -10.84
N VAL B 83 22.04 -11.72 -11.13
CA VAL B 83 20.92 -12.43 -10.57
C VAL B 83 21.32 -13.37 -9.45
N PHE B 84 20.75 -13.17 -8.26
CA PHE B 84 21.07 -13.98 -7.10
C PHE B 84 19.93 -14.88 -6.68
N SER B 85 20.21 -15.78 -5.75
CA SER B 85 19.21 -16.67 -5.20
C SER B 85 19.58 -17.05 -3.76
N ASP B 86 19.35 -16.14 -2.82
CA ASP B 86 19.64 -16.32 -1.39
C ASP B 86 18.43 -15.77 -0.58
N TRP B 87 18.51 -15.80 0.75
CA TRP B 87 17.44 -15.25 1.60
C TRP B 87 17.40 -13.73 1.61
N LEU B 88 18.57 -13.10 1.66
CA LEU B 88 18.64 -11.63 1.67
C LEU B 88 19.61 -11.11 0.62
N LEU B 89 19.31 -9.99 0.00
CA LEU B 89 20.17 -9.45 -1.03
C LEU B 89 20.31 -7.95 -0.85
N LEU B 90 21.53 -7.49 -0.64
CA LEU B 90 21.74 -6.06 -0.48
C LEU B 90 21.69 -5.37 -1.83
N GLN B 91 20.74 -4.47 -2.01
CA GLN B 91 20.61 -3.79 -3.27
C GLN B 91 21.11 -2.37 -3.14
N ALA B 92 21.77 -1.89 -4.19
CA ALA B 92 22.29 -0.52 -4.20
C ALA B 92 21.80 0.24 -5.43
N SER B 93 21.45 1.51 -5.24
CA SER B 93 20.99 2.35 -6.34
C SER B 93 22.11 2.46 -7.39
N ALA B 94 23.35 2.27 -6.93
CA ALA B 94 24.53 2.36 -7.76
C ALA B 94 25.72 1.90 -6.91
N GLU B 95 26.66 1.19 -7.54
CA GLU B 95 27.85 0.68 -6.87
C GLU B 95 29.04 1.65 -6.93
N VAL B 96 29.10 2.44 -7.99
CA VAL B 96 30.16 3.42 -8.12
C VAL B 96 29.44 4.74 -8.13
N VAL B 97 29.49 5.41 -7.01
CA VAL B 97 28.82 6.69 -6.88
C VAL B 97 29.80 7.84 -6.94
N MET B 98 29.31 8.93 -7.50
CA MET B 98 30.06 10.17 -7.62
C MET B 98 29.73 10.96 -6.36
N GLU B 99 30.70 11.72 -5.86
CA GLU B 99 30.53 12.53 -4.64
C GLU B 99 29.45 13.59 -4.77
N GLY B 100 28.57 13.66 -3.77
CA GLY B 100 27.53 14.67 -3.83
C GLY B 100 26.15 14.17 -4.20
N GLN B 101 26.07 13.03 -4.86
CA GLN B 101 24.78 12.46 -5.24
C GLN B 101 24.29 11.44 -4.21
N PRO B 102 22.99 11.10 -4.24
CA PRO B 102 22.42 10.13 -3.29
C PRO B 102 22.79 8.67 -3.54
N LEU B 103 22.82 7.91 -2.45
CA LEU B 103 23.12 6.49 -2.50
C LEU B 103 22.00 5.78 -1.72
N PHE B 104 21.35 4.82 -2.36
CA PHE B 104 20.26 4.09 -1.72
C PHE B 104 20.56 2.61 -1.56
N LEU B 105 20.40 2.09 -0.35
CA LEU B 105 20.64 0.69 -0.09
C LEU B 105 19.37 0.06 0.44
N ARG B 106 19.12 -1.16 0.02
CA ARG B 106 17.90 -1.85 0.40
C ARG B 106 18.23 -3.31 0.75
N CYS B 107 17.87 -3.75 1.95
CA CYS B 107 18.14 -5.12 2.39
C CYS B 107 16.96 -5.99 1.97
N HIS B 108 16.93 -6.29 0.68
CA HIS B 108 15.87 -7.06 0.03
C HIS B 108 15.70 -8.54 0.37
N GLY B 109 14.49 -8.93 0.75
CA GLY B 109 14.22 -10.32 1.12
C GLY B 109 13.63 -11.20 0.02
N TRP B 110 13.94 -12.50 0.09
CA TRP B 110 13.48 -13.51 -0.87
C TRP B 110 11.97 -13.50 -1.01
N ARG B 111 11.51 -13.54 -2.26
CA ARG B 111 10.08 -13.51 -2.58
C ARG B 111 9.36 -12.43 -1.82
N ASN B 112 10.07 -11.31 -1.61
CA ASN B 112 9.53 -10.16 -0.92
C ASN B 112 9.03 -10.41 0.47
N TRP B 113 9.30 -11.60 0.97
CA TRP B 113 8.92 -11.97 2.32
C TRP B 113 9.46 -10.97 3.33
N ASP B 114 8.68 -10.72 4.37
CA ASP B 114 9.04 -9.77 5.41
C ASP B 114 10.37 -10.06 6.09
N VAL B 115 11.17 -9.00 6.27
CA VAL B 115 12.45 -9.09 6.98
C VAL B 115 12.35 -8.22 8.25
N TYR B 116 12.68 -8.77 9.41
CA TYR B 116 12.64 -7.98 10.65
C TYR B 116 14.04 -7.91 11.24
N LYS B 117 14.24 -7.03 12.22
CA LYS B 117 15.54 -6.88 12.87
C LYS B 117 16.62 -6.67 11.80
N VAL B 118 16.36 -5.74 10.90
CA VAL B 118 17.32 -5.46 9.84
C VAL B 118 18.46 -4.60 10.33
N ILE B 119 19.68 -5.06 10.09
CA ILE B 119 20.87 -4.30 10.46
C ILE B 119 21.74 -4.15 9.22
N TYR B 120 22.18 -2.93 8.95
CA TYR B 120 23.07 -2.66 7.81
C TYR B 120 24.47 -2.47 8.35
N TYR B 121 25.44 -3.19 7.79
CA TYR B 121 26.84 -3.06 8.20
C TYR B 121 27.70 -2.46 7.10
N LYS B 122 28.79 -1.80 7.51
CA LYS B 122 29.76 -1.21 6.61
C LYS B 122 31.15 -1.51 7.18
N ASP B 123 31.94 -2.26 6.42
CA ASP B 123 33.30 -2.63 6.86
C ASP B 123 33.27 -3.35 8.20
N GLY B 124 32.23 -4.13 8.43
CA GLY B 124 32.13 -4.86 9.67
C GLY B 124 31.40 -4.15 10.79
N GLU B 125 31.11 -2.86 10.60
CA GLU B 125 30.41 -2.11 11.64
C GLU B 125 28.92 -1.93 11.38
N ALA B 126 28.12 -2.16 12.41
CA ALA B 126 26.68 -2.01 12.32
C ALA B 126 26.34 -0.53 12.23
N LEU B 127 25.80 -0.10 11.10
CA LEU B 127 25.42 1.30 10.89
C LEU B 127 24.06 1.67 11.45
N LYS B 128 23.03 0.91 11.08
CA LYS B 128 21.67 1.16 11.54
C LYS B 128 20.87 -0.11 11.80
N TYR B 129 19.82 0.03 12.61
CA TYR B 129 18.94 -1.07 12.94
C TYR B 129 17.50 -0.59 12.88
N TRP B 130 16.65 -1.41 12.30
CA TRP B 130 15.25 -1.05 12.21
C TRP B 130 14.49 -2.32 12.48
N TYR B 131 13.35 -2.21 13.15
CA TYR B 131 12.56 -3.41 13.42
C TYR B 131 11.91 -3.85 12.11
N GLU B 132 11.23 -2.89 11.49
CA GLU B 132 10.55 -3.09 10.23
C GLU B 132 11.64 -2.83 9.20
N ASN B 133 11.73 -3.68 8.20
CA ASN B 133 12.72 -3.49 7.16
C ASN B 133 12.52 -2.08 6.64
N HIS B 134 13.60 -1.35 6.54
CA HIS B 134 13.58 0.02 6.11
C HIS B 134 14.84 0.19 5.29
N ASN B 135 14.76 0.93 4.19
CA ASN B 135 15.91 1.18 3.34
C ASN B 135 16.85 2.16 4.03
N ILE B 136 18.12 2.14 3.66
CA ILE B 136 19.07 3.08 4.24
C ILE B 136 19.38 4.06 3.12
N SER B 137 19.30 5.34 3.42
CA SER B 137 19.51 6.35 2.40
C SER B 137 20.57 7.40 2.72
N ILE B 138 21.62 7.43 1.90
CA ILE B 138 22.72 8.37 2.04
C ILE B 138 22.47 9.56 1.11
N THR B 139 21.87 10.61 1.66
CA THR B 139 21.51 11.82 0.91
C THR B 139 22.66 12.51 0.17
N ASN B 140 23.79 12.71 0.85
CA ASN B 140 24.96 13.35 0.23
C ASN B 140 26.15 12.40 0.35
N ALA B 141 26.41 11.66 -0.72
CA ALA B 141 27.50 10.69 -0.73
C ALA B 141 28.88 11.31 -0.50
N THR B 142 29.63 10.70 0.41
CA THR B 142 30.96 11.16 0.76
C THR B 142 31.96 10.06 0.45
N VAL B 143 33.20 10.43 0.20
CA VAL B 143 34.24 9.45 -0.08
C VAL B 143 34.36 8.50 1.11
N GLU B 144 34.05 9.01 2.29
CA GLU B 144 34.10 8.23 3.52
C GLU B 144 33.08 7.10 3.44
N ASP B 145 31.98 7.36 2.73
CA ASP B 145 30.91 6.39 2.57
C ASP B 145 31.28 5.17 1.75
N SER B 146 32.52 5.11 1.27
CA SER B 146 32.98 3.95 0.52
C SER B 146 33.19 2.81 1.49
N GLY B 147 33.25 1.60 0.96
CA GLY B 147 33.46 0.45 1.83
C GLY B 147 32.58 -0.70 1.42
N THR B 148 32.72 -1.83 2.11
CA THR B 148 31.90 -2.99 1.79
C THR B 148 30.73 -3.09 2.75
N TYR B 149 29.52 -3.02 2.18
CA TYR B 149 28.30 -3.08 2.96
C TYR B 149 27.63 -4.44 2.86
N TYR B 150 26.79 -4.73 3.85
CA TYR B 150 26.00 -5.95 3.89
C TYR B 150 24.95 -5.79 4.99
N CYS B 151 23.95 -6.65 5.01
CA CYS B 151 22.89 -6.55 6.02
C CYS B 151 22.51 -7.92 6.52
N THR B 152 21.82 -7.93 7.64
CA THR B 152 21.35 -9.18 8.24
C THR B 152 19.91 -8.91 8.63
N GLY B 153 19.11 -9.97 8.75
CA GLY B 153 17.73 -9.80 9.10
C GLY B 153 17.09 -11.13 9.42
N LYS B 154 15.83 -11.06 9.84
CA LYS B 154 15.00 -12.20 10.22
C LYS B 154 13.90 -12.43 9.18
N VAL B 155 13.80 -13.66 8.66
CA VAL B 155 12.77 -14.02 7.66
C VAL B 155 12.20 -15.34 8.12
N TRP B 156 10.88 -15.41 8.28
CA TRP B 156 10.26 -16.64 8.80
C TRP B 156 11.00 -16.98 10.11
N GLN B 157 11.08 -16.01 11.02
CA GLN B 157 11.72 -16.16 12.35
C GLN B 157 13.22 -16.53 12.37
N LEU B 158 13.78 -16.80 11.20
CA LEU B 158 15.17 -17.18 11.12
C LEU B 158 16.10 -16.01 10.84
N ASP B 159 17.38 -16.19 11.13
CA ASP B 159 18.38 -15.16 10.88
C ASP B 159 19.13 -15.54 9.63
N TYR B 160 19.49 -14.52 8.86
CA TYR B 160 20.20 -14.67 7.59
C TYR B 160 21.10 -13.47 7.34
N GLU B 161 22.18 -13.68 6.60
CA GLU B 161 23.11 -12.61 6.28
C GLU B 161 23.16 -12.50 4.77
N SER B 162 23.44 -11.30 4.28
CA SER B 162 23.51 -11.09 2.85
C SER B 162 24.94 -11.06 2.39
N GLU B 163 25.15 -11.37 1.12
CA GLU B 163 26.48 -11.32 0.54
C GLU B 163 26.93 -9.88 0.60
N PRO B 164 28.22 -9.66 0.83
CA PRO B 164 28.74 -8.29 0.89
C PRO B 164 28.78 -7.62 -0.48
N LEU B 165 28.77 -6.30 -0.49
CA LEU B 165 28.81 -5.55 -1.73
C LEU B 165 29.72 -4.34 -1.58
N ASN B 166 30.68 -4.24 -2.50
CA ASN B 166 31.63 -3.13 -2.49
C ASN B 166 31.00 -1.90 -3.11
N ILE B 167 31.02 -0.80 -2.37
CA ILE B 167 30.48 0.46 -2.84
C ILE B 167 31.57 1.51 -2.76
N THR B 168 31.80 2.21 -3.88
CA THR B 168 32.84 3.22 -3.93
C THR B 168 32.30 4.58 -4.31
N VAL B 169 32.70 5.59 -3.52
CA VAL B 169 32.29 6.96 -3.75
C VAL B 169 33.52 7.77 -4.15
N ILE B 170 33.57 8.14 -5.43
CA ILE B 170 34.69 8.93 -5.98
C ILE B 170 34.35 10.42 -5.97
N LYS B 171 35.22 11.25 -6.55
CA LYS B 171 34.93 12.68 -6.61
C LYS B 171 34.25 13.07 -7.92
N LYS C 4 17.75 45.90 -32.28
CA LYS C 4 16.87 44.75 -32.11
C LYS C 4 16.48 44.55 -30.64
N PRO C 5 15.17 44.57 -30.34
CA PRO C 5 14.66 44.40 -28.98
C PRO C 5 14.59 42.92 -28.59
N LYS C 6 14.63 42.66 -27.29
CA LYS C 6 14.56 41.31 -26.77
C LYS C 6 13.64 41.19 -25.57
N VAL C 7 12.71 40.24 -25.63
CA VAL C 7 11.76 40.03 -24.55
C VAL C 7 12.38 39.24 -23.39
N SER C 8 12.02 39.62 -22.18
CA SER C 8 12.51 38.98 -20.97
C SER C 8 11.34 38.68 -20.05
N LEU C 9 11.47 37.63 -19.24
CA LEU C 9 10.40 37.24 -18.34
C LEU C 9 10.74 37.50 -16.88
N ASN C 10 9.71 37.77 -16.09
CA ASN C 10 9.89 38.01 -14.68
C ASN C 10 8.66 37.54 -13.91
N PRO C 11 8.79 36.41 -13.18
CA PRO C 11 9.98 35.56 -13.05
C PRO C 11 10.42 35.00 -14.42
N PRO C 12 11.69 34.58 -14.56
CA PRO C 12 12.29 34.03 -15.79
C PRO C 12 11.70 32.72 -16.33
N TRP C 13 10.79 32.11 -15.59
CA TRP C 13 10.23 30.83 -15.98
C TRP C 13 9.25 30.87 -17.16
N ASN C 14 9.64 30.29 -18.30
CA ASN C 14 8.74 30.24 -19.44
C ASN C 14 7.67 29.16 -19.25
N ARG C 15 7.92 28.21 -18.34
CA ARG C 15 6.94 27.18 -17.99
C ARG C 15 6.36 27.60 -16.64
N ILE C 16 5.03 27.66 -16.55
CA ILE C 16 4.37 28.07 -15.31
C ILE C 16 3.04 27.35 -15.13
N PHE C 17 2.48 27.46 -13.92
CA PHE C 17 1.22 26.83 -13.60
C PHE C 17 -0.01 27.65 -13.97
N LYS C 18 -1.12 26.96 -14.15
CA LYS C 18 -2.37 27.60 -14.47
C LYS C 18 -2.72 28.44 -13.27
N GLY C 19 -2.81 29.74 -13.47
CA GLY C 19 -3.19 30.59 -12.36
C GLY C 19 -2.09 31.49 -11.87
N GLU C 20 -0.87 31.23 -12.32
CA GLU C 20 0.26 32.05 -11.90
C GLU C 20 0.36 33.31 -12.72
N ASN C 21 1.32 34.15 -12.37
CA ASN C 21 1.52 35.43 -13.05
C ASN C 21 2.90 35.54 -13.63
N VAL C 22 3.00 36.21 -14.76
CA VAL C 22 4.28 36.43 -15.41
C VAL C 22 4.20 37.75 -16.16
N THR C 23 5.36 38.40 -16.30
CA THR C 23 5.45 39.68 -16.98
C THR C 23 6.55 39.70 -18.01
N LEU C 24 6.17 39.86 -19.27
CA LEU C 24 7.13 39.90 -20.36
C LEU C 24 7.53 41.35 -20.55
N THR C 25 8.84 41.59 -20.62
CA THR C 25 9.36 42.94 -20.78
C THR C 25 10.11 43.06 -22.10
N CYS C 26 9.81 44.12 -22.82
CA CYS C 26 10.46 44.39 -24.10
C CYS C 26 11.71 45.22 -23.82
N ASN C 27 12.85 44.73 -24.29
CA ASN C 27 14.15 45.37 -24.10
C ASN C 27 14.09 46.88 -24.33
N GLY C 28 14.71 47.64 -23.42
CA GLY C 28 14.74 49.09 -23.52
C GLY C 28 16.12 49.62 -23.16
N ASN C 29 16.58 50.64 -23.90
CA ASN C 29 17.90 51.23 -23.68
C ASN C 29 18.11 52.55 -24.45
N ASN C 30 18.43 52.43 -25.74
CA ASN C 30 18.70 53.52 -26.68
C ASN C 30 17.81 54.76 -26.56
N PHE C 31 16.57 54.66 -27.03
CA PHE C 31 15.66 55.79 -26.98
C PHE C 31 14.24 55.38 -26.61
N VAL C 34 11.23 56.39 -25.47
CA VAL C 34 9.79 56.21 -25.32
C VAL C 34 9.09 56.55 -26.63
N SER C 35 8.13 55.70 -27.01
CA SER C 35 7.35 55.86 -28.25
C SER C 35 6.13 54.94 -28.22
N SER C 36 6.38 53.64 -28.36
CA SER C 36 5.32 52.63 -28.36
C SER C 36 5.95 51.24 -28.38
N THR C 37 5.16 50.24 -27.99
CA THR C 37 5.63 48.86 -27.98
C THR C 37 4.51 47.94 -28.48
N LYS C 38 4.81 47.18 -29.53
CA LYS C 38 3.84 46.27 -30.12
C LYS C 38 4.04 44.84 -29.61
N TRP C 39 2.95 44.22 -29.17
CA TRP C 39 3.01 42.85 -28.66
C TRP C 39 2.26 41.86 -29.54
N PHE C 40 2.94 40.80 -29.95
CA PHE C 40 2.35 39.77 -30.80
C PHE C 40 2.22 38.41 -30.09
N HIS C 41 0.99 37.99 -29.82
CA HIS C 41 0.73 36.70 -29.16
C HIS C 41 0.17 35.72 -30.19
N ASN C 42 1.01 34.75 -30.57
CA ASN C 42 0.63 33.73 -31.55
C ASN C 42 0.43 34.36 -32.93
N GLY C 43 1.21 35.40 -33.21
CA GLY C 43 1.11 36.07 -34.50
C GLY C 43 0.14 37.26 -34.49
N SER C 44 -0.89 37.19 -33.64
CA SER C 44 -1.88 38.26 -33.54
C SER C 44 -1.35 39.43 -32.73
N LEU C 45 -1.77 40.64 -33.08
CA LEU C 45 -1.34 41.84 -32.36
C LEU C 45 -2.19 41.99 -31.10
N SER C 46 -1.52 42.12 -29.95
CA SER C 46 -2.22 42.28 -28.67
C SER C 46 -2.53 43.75 -28.43
N GLU C 47 -3.57 43.98 -27.65
CA GLU C 47 -4.01 45.33 -27.32
C GLU C 47 -3.10 46.04 -26.32
N GLU C 48 -1.92 45.47 -26.06
CA GLU C 48 -0.98 46.08 -25.12
C GLU C 48 -0.02 47.00 -25.84
N THR C 49 0.28 48.14 -25.19
CA THR C 49 1.18 49.15 -25.75
C THR C 49 2.44 49.44 -24.91
N ASN C 50 2.40 49.07 -23.63
CA ASN C 50 3.54 49.28 -22.72
C ASN C 50 4.69 48.33 -23.04
N SER C 51 5.87 48.64 -22.52
CA SER C 51 7.05 47.79 -22.76
C SER C 51 6.96 46.50 -21.94
N SER C 52 5.95 46.42 -21.07
CA SER C 52 5.74 45.25 -20.23
C SER C 52 4.31 44.73 -20.29
N LEU C 53 4.17 43.51 -20.80
CA LEU C 53 2.88 42.84 -20.92
C LEU C 53 2.67 41.98 -19.68
N ASN C 54 1.62 42.25 -18.93
CA ASN C 54 1.31 41.50 -17.71
C ASN C 54 0.30 40.37 -17.86
N ILE C 55 0.74 39.15 -17.59
CA ILE C 55 -0.15 38.00 -17.65
C ILE C 55 -0.55 37.70 -16.20
N VAL C 56 -1.86 37.61 -15.98
CA VAL C 56 -2.41 37.34 -14.65
C VAL C 56 -3.36 36.15 -14.68
N ASN C 57 -3.32 35.34 -13.63
CA ASN C 57 -4.15 34.15 -13.54
C ASN C 57 -4.05 33.28 -14.79
N ALA C 58 -2.83 33.17 -15.30
CA ALA C 58 -2.52 32.42 -16.51
C ALA C 58 -3.45 31.26 -16.82
N LYS C 59 -3.93 31.25 -18.06
CA LYS C 59 -4.82 30.22 -18.56
C LYS C 59 -4.03 29.47 -19.61
N PHE C 60 -4.47 28.28 -19.97
CA PHE C 60 -3.76 27.52 -20.99
C PHE C 60 -3.63 28.38 -22.24
N GLU C 61 -4.72 29.09 -22.54
CA GLU C 61 -4.82 29.99 -23.68
C GLU C 61 -3.62 30.94 -23.77
N ASP C 62 -3.09 31.36 -22.62
CA ASP C 62 -1.95 32.27 -22.57
C ASP C 62 -0.65 31.69 -23.06
N SER C 63 -0.63 30.38 -23.26
CA SER C 63 0.57 29.71 -23.76
C SER C 63 0.84 30.22 -25.16
N GLY C 64 2.04 29.98 -25.67
CA GLY C 64 2.33 30.41 -27.02
C GLY C 64 3.56 31.27 -27.24
N GLU C 65 3.69 31.75 -28.46
CA GLU C 65 4.81 32.58 -28.89
C GLU C 65 4.51 34.06 -28.62
N TYR C 66 5.50 34.78 -28.10
CA TYR C 66 5.35 36.21 -27.81
C TYR C 66 6.50 37.00 -28.42
N LYS C 67 6.18 38.15 -29.00
CA LYS C 67 7.16 39.03 -29.63
C LYS C 67 6.78 40.48 -29.36
N CYS C 68 7.78 41.35 -29.31
CA CYS C 68 7.55 42.77 -29.11
C CYS C 68 8.27 43.56 -30.20
N GLN C 69 7.72 44.71 -30.55
CA GLN C 69 8.28 45.55 -31.59
C GLN C 69 8.33 47.02 -31.16
N HIS C 70 9.46 47.67 -31.47
CA HIS C 70 9.63 49.07 -31.13
C HIS C 70 9.62 49.83 -32.46
N GLN C 71 10.50 50.82 -32.58
CA GLN C 71 10.62 51.61 -33.80
C GLN C 71 11.91 51.20 -34.51
N GLN C 72 12.55 50.15 -34.01
CA GLN C 72 13.80 49.64 -34.56
C GLN C 72 13.55 48.74 -35.77
N VAL C 73 12.41 48.93 -36.42
CA VAL C 73 12.00 48.16 -37.60
C VAL C 73 11.80 46.67 -37.31
N ASN C 74 12.91 45.96 -37.13
CA ASN C 74 12.88 44.52 -36.85
C ASN C 74 12.17 44.18 -35.54
N GLU C 75 11.56 43.01 -35.52
CA GLU C 75 10.84 42.52 -34.33
C GLU C 75 11.83 41.77 -33.45
N SER C 76 11.40 41.44 -32.24
CA SER C 76 12.23 40.71 -31.29
C SER C 76 12.19 39.23 -31.57
N GLU C 77 13.15 38.49 -31.02
CA GLU C 77 13.16 37.04 -31.20
C GLU C 77 11.99 36.47 -30.40
N PRO C 78 11.38 35.38 -30.90
CA PRO C 78 10.25 34.75 -30.23
C PRO C 78 10.60 34.19 -28.85
N VAL C 79 9.62 34.27 -27.95
CA VAL C 79 9.76 33.77 -26.61
C VAL C 79 8.53 32.90 -26.40
N TYR C 80 8.75 31.62 -26.08
CA TYR C 80 7.64 30.69 -25.90
C TYR C 80 7.29 30.47 -24.43
N LEU C 81 6.01 30.62 -24.12
CA LEU C 81 5.50 30.46 -22.76
C LEU C 81 4.53 29.29 -22.72
N GLU C 82 4.71 28.39 -21.76
CA GLU C 82 3.83 27.24 -21.66
C GLU C 82 3.15 27.10 -20.29
N VAL C 83 1.83 26.95 -20.29
CA VAL C 83 1.07 26.83 -19.06
C VAL C 83 0.67 25.40 -18.72
N PHE C 84 1.10 24.92 -17.55
CA PHE C 84 0.81 23.55 -17.14
C PHE C 84 -0.16 23.49 -15.98
N SER C 85 -0.62 22.28 -15.68
CA SER C 85 -1.51 22.05 -14.56
C SER C 85 -1.28 20.65 -14.04
N ASP C 86 -0.15 20.50 -13.33
CA ASP C 86 0.29 19.25 -12.72
C ASP C 86 0.66 19.55 -11.24
N TRP C 87 1.20 18.57 -10.50
CA TRP C 87 1.59 18.80 -9.10
C TRP C 87 2.97 19.42 -9.04
N LEU C 88 3.88 18.90 -9.85
CA LEU C 88 5.23 19.45 -9.89
C LEU C 88 5.52 19.86 -11.32
N LEU C 89 6.31 20.91 -11.45
CA LEU C 89 6.67 21.42 -12.75
C LEU C 89 8.12 21.84 -12.72
N LEU C 90 8.93 21.21 -13.57
CA LEU C 90 10.34 21.56 -13.62
C LEU C 90 10.50 22.86 -14.38
N GLN C 91 11.03 23.87 -13.70
CA GLN C 91 11.22 25.16 -14.33
C GLN C 91 12.68 25.38 -14.63
N ALA C 92 12.95 25.99 -15.79
CA ALA C 92 14.34 26.28 -16.19
C ALA C 92 14.51 27.76 -16.52
N SER C 93 15.63 28.32 -16.11
CA SER C 93 15.94 29.73 -16.38
C SER C 93 16.00 29.95 -17.89
N ALA C 94 16.29 28.86 -18.62
CA ALA C 94 16.38 28.87 -20.08
C ALA C 94 16.57 27.42 -20.54
N GLU C 95 16.15 27.06 -21.74
CA GLU C 95 16.31 25.66 -22.16
C GLU C 95 17.48 25.47 -23.12
N VAL C 96 17.84 26.57 -23.80
CA VAL C 96 18.96 26.61 -24.73
C VAL C 96 19.95 27.61 -24.11
N VAL C 97 21.01 27.07 -23.53
CA VAL C 97 22.01 27.87 -22.81
C VAL C 97 23.41 27.92 -23.42
N MET C 98 23.97 29.14 -23.42
CA MET C 98 25.31 29.42 -23.93
C MET C 98 26.40 28.86 -23.01
N GLU C 99 27.27 28.02 -23.59
CA GLU C 99 28.38 27.39 -22.88
C GLU C 99 29.14 28.45 -22.08
N GLY C 100 28.99 28.42 -20.76
CA GLY C 100 29.65 29.42 -19.94
C GLY C 100 28.73 30.23 -19.07
N GLN C 101 27.44 30.29 -19.43
CA GLN C 101 26.48 31.03 -18.61
C GLN C 101 25.74 30.12 -17.62
N PRO C 102 25.11 30.70 -16.59
CA PRO C 102 24.39 29.90 -15.60
C PRO C 102 23.06 29.29 -16.05
N LEU C 103 22.72 28.16 -15.45
CA LEU C 103 21.48 27.45 -15.73
C LEU C 103 20.80 27.18 -14.39
N PHE C 104 19.55 27.61 -14.26
CA PHE C 104 18.82 27.42 -13.00
C PHE C 104 17.59 26.54 -13.18
N LEU C 105 17.48 25.52 -12.34
CA LEU C 105 16.34 24.62 -12.41
C LEU C 105 15.62 24.65 -11.07
N ARG C 106 14.30 24.60 -11.13
CA ARG C 106 13.48 24.68 -9.94
C ARG C 106 12.35 23.66 -10.02
N CYS C 107 12.25 22.78 -9.03
CA CYS C 107 11.20 21.75 -9.02
C CYS C 107 9.97 22.35 -8.33
N HIS C 108 9.27 23.20 -9.07
CA HIS C 108 8.09 23.93 -8.62
C HIS C 108 6.81 23.15 -8.30
N GLY C 109 6.26 23.39 -7.10
CA GLY C 109 5.04 22.70 -6.68
C GLY C 109 3.74 23.46 -6.87
N TRP C 110 2.66 22.72 -7.04
CA TRP C 110 1.34 23.34 -7.29
C TRP C 110 0.99 24.38 -6.26
N ARG C 111 0.65 25.57 -6.73
CA ARG C 111 0.26 26.68 -5.84
C ARG C 111 1.38 27.07 -4.87
N ASN C 112 2.61 26.68 -5.21
CA ASN C 112 3.78 26.95 -4.40
C ASN C 112 3.81 26.13 -3.11
N TRP C 113 2.91 25.17 -3.02
CA TRP C 113 2.85 24.27 -1.88
C TRP C 113 4.22 23.63 -1.69
N ASP C 114 4.51 23.23 -0.47
CA ASP C 114 5.79 22.63 -0.11
C ASP C 114 5.99 21.23 -0.66
N VAL C 115 7.17 21.05 -1.19
CA VAL C 115 7.62 19.79 -1.77
C VAL C 115 8.79 19.26 -0.91
N TYR C 116 8.73 18.01 -0.50
CA TYR C 116 9.83 17.44 0.28
C TYR C 116 10.44 16.29 -0.50
N LYS C 117 11.61 15.81 -0.05
CA LYS C 117 12.29 14.70 -0.72
C LYS C 117 12.42 15.01 -2.22
N VAL C 118 12.92 16.19 -2.54
CA VAL C 118 13.08 16.57 -3.93
C VAL C 118 14.29 15.94 -4.55
N ILE C 119 14.11 15.28 -5.69
CA ILE C 119 15.23 14.68 -6.40
C ILE C 119 15.20 15.17 -7.83
N TYR C 120 16.34 15.65 -8.33
CA TYR C 120 16.44 16.12 -9.71
C TYR C 120 17.15 15.05 -10.52
N TYR C 121 16.56 14.66 -11.64
CA TYR C 121 17.18 13.65 -12.50
C TYR C 121 17.60 14.24 -13.85
N LYS C 122 18.60 13.61 -14.47
CA LYS C 122 19.08 14.01 -15.79
C LYS C 122 19.35 12.73 -16.56
N ASP C 123 18.62 12.54 -17.66
CA ASP C 123 18.78 11.35 -18.50
C ASP C 123 18.54 10.09 -17.70
N GLY C 124 17.63 10.15 -16.73
CA GLY C 124 17.33 8.98 -15.93
C GLY C 124 18.16 8.84 -14.67
N GLU C 125 19.20 9.66 -14.52
CA GLU C 125 20.05 9.58 -13.34
C GLU C 125 19.75 10.65 -12.30
N ALA C 126 19.67 10.22 -11.04
CA ALA C 126 19.42 11.11 -9.93
C ALA C 126 20.66 11.98 -9.68
N LEU C 127 20.54 13.29 -9.91
CA LEU C 127 21.64 14.21 -9.71
C LEU C 127 21.82 14.68 -8.27
N LYS C 128 20.74 15.19 -7.68
CA LYS C 128 20.76 15.69 -6.30
C LYS C 128 19.48 15.36 -5.53
N TYR C 129 19.59 15.17 -4.21
CA TYR C 129 18.45 14.83 -3.33
C TYR C 129 18.45 15.75 -2.12
N TRP C 130 17.27 16.27 -1.76
CA TRP C 130 17.14 17.16 -0.61
C TRP C 130 15.82 16.97 0.11
N TYR C 131 15.85 16.80 1.43
CA TYR C 131 14.62 16.62 2.19
C TYR C 131 13.72 17.84 2.03
N GLU C 132 14.34 19.03 1.97
CA GLU C 132 13.65 20.31 1.81
C GLU C 132 13.71 20.65 0.33
N ASN C 133 12.74 21.39 -0.20
CA ASN C 133 12.84 21.71 -1.62
C ASN C 133 14.11 22.53 -1.74
N HIS C 134 14.70 22.58 -2.93
CA HIS C 134 15.97 23.29 -3.12
C HIS C 134 16.19 23.45 -4.63
N ASN C 135 16.42 24.68 -5.12
CA ASN C 135 16.67 24.84 -6.56
C ASN C 135 18.04 24.22 -6.89
N ILE C 136 18.24 23.82 -8.14
CA ILE C 136 19.51 23.26 -8.52
C ILE C 136 20.11 24.31 -9.43
N SER C 137 21.36 24.67 -9.16
CA SER C 137 22.01 25.73 -9.93
C SER C 137 23.34 25.35 -10.58
N ILE C 138 23.37 25.40 -11.91
CA ILE C 138 24.56 25.08 -12.70
C ILE C 138 25.28 26.40 -13.03
N THR C 139 26.25 26.75 -12.19
CA THR C 139 27.03 27.99 -12.34
C THR C 139 27.72 28.20 -13.70
N ASN C 140 28.41 27.18 -14.20
CA ASN C 140 29.08 27.26 -15.49
C ASN C 140 28.56 26.15 -16.39
N ALA C 141 27.60 26.49 -17.25
CA ALA C 141 27.00 25.52 -18.16
C ALA C 141 27.99 24.87 -19.11
N THR C 142 27.92 23.54 -19.19
CA THR C 142 28.78 22.76 -20.04
C THR C 142 27.94 22.00 -21.04
N VAL C 143 28.51 21.66 -22.19
CA VAL C 143 27.79 20.91 -23.21
C VAL C 143 27.34 19.58 -22.61
N GLU C 144 28.12 19.08 -21.65
CA GLU C 144 27.80 17.83 -20.97
C GLU C 144 26.50 17.97 -20.20
N ASP C 145 26.22 19.19 -19.74
CA ASP C 145 25.01 19.48 -18.99
C ASP C 145 23.73 19.40 -19.79
N SER C 146 23.83 19.05 -21.08
CA SER C 146 22.65 18.90 -21.91
C SER C 146 21.97 17.59 -21.53
N GLY C 147 20.72 17.44 -21.91
CA GLY C 147 20.00 16.22 -21.57
C GLY C 147 18.59 16.53 -21.12
N THR C 148 17.82 15.48 -20.85
CA THR C 148 16.45 15.68 -20.40
C THR C 148 16.39 15.57 -18.88
N TYR C 149 15.94 16.66 -18.25
CA TYR C 149 15.83 16.72 -16.81
C TYR C 149 14.38 16.60 -16.36
N TYR C 150 14.22 16.19 -15.10
CA TYR C 150 12.93 16.08 -14.45
C TYR C 150 13.17 15.90 -12.95
N CYS C 151 12.13 16.07 -12.15
CA CYS C 151 12.28 15.95 -10.69
C CYS C 151 11.10 15.21 -10.12
N THR C 152 11.26 14.74 -8.89
CA THR C 152 10.19 14.05 -8.17
C THR C 152 10.20 14.65 -6.78
N GLY C 153 9.08 14.56 -6.09
CA GLY C 153 9.00 15.11 -4.75
C GLY C 153 7.71 14.69 -4.12
N LYS C 154 7.42 15.21 -2.95
CA LYS C 154 6.19 14.84 -2.34
C LYS C 154 5.47 16.10 -1.98
N VAL C 155 4.17 16.10 -2.26
CA VAL C 155 3.36 17.22 -1.87
C VAL C 155 2.22 16.59 -1.08
N TRP C 156 1.98 17.13 0.11
CA TRP C 156 0.96 16.60 0.98
C TRP C 156 1.12 15.09 1.19
N GLN C 157 2.36 14.66 1.41
CA GLN C 157 2.73 13.27 1.66
C GLN C 157 2.53 12.31 0.53
N LEU C 158 2.25 12.82 -0.65
CA LEU C 158 2.04 11.95 -1.79
C LEU C 158 3.15 12.18 -2.76
N ASP C 159 3.57 11.12 -3.42
CA ASP C 159 4.64 11.16 -4.38
C ASP C 159 4.17 11.66 -5.72
N TYR C 160 5.03 12.39 -6.42
CA TYR C 160 4.69 12.91 -7.73
C TYR C 160 5.94 13.10 -8.58
N GLU C 161 5.77 12.97 -9.88
CA GLU C 161 6.88 13.15 -10.81
C GLU C 161 6.51 14.28 -11.75
N SER C 162 7.52 15.00 -12.24
CA SER C 162 7.27 16.10 -13.15
C SER C 162 7.51 15.68 -14.57
N GLU C 163 6.87 16.38 -15.50
CA GLU C 163 7.06 16.11 -16.91
C GLU C 163 8.52 16.41 -17.21
N PRO C 164 9.14 15.64 -18.12
CA PRO C 164 10.53 15.88 -18.46
C PRO C 164 10.70 17.14 -19.30
N LEU C 165 11.91 17.69 -19.28
CA LEU C 165 12.22 18.90 -20.03
C LEU C 165 13.58 18.80 -20.67
N ASN C 166 13.63 19.00 -21.98
CA ASN C 166 14.88 18.94 -22.72
C ASN C 166 15.64 20.23 -22.57
N ILE C 167 16.89 20.13 -22.13
CA ILE C 167 17.75 21.28 -21.95
C ILE C 167 19.01 21.07 -22.76
N THR C 168 19.34 22.05 -23.61
CA THR C 168 20.52 21.94 -24.45
C THR C 168 21.50 23.07 -24.22
N VAL C 169 22.76 22.69 -24.06
CA VAL C 169 23.86 23.64 -23.84
C VAL C 169 24.77 23.62 -25.06
N ILE C 170 24.71 24.68 -25.87
CA ILE C 170 25.55 24.80 -27.07
C ILE C 170 26.81 25.60 -26.77
N LYS C 171 27.61 25.90 -27.80
CA LYS C 171 28.82 26.69 -27.59
C LYS C 171 28.57 28.18 -27.82
N LYS D 4 -32.52 -44.41 13.61
CA LYS D 4 -31.63 -45.36 14.29
C LYS D 4 -30.19 -45.19 13.80
N PRO D 5 -29.95 -45.29 12.48
CA PRO D 5 -28.57 -45.13 12.01
C PRO D 5 -28.21 -43.65 11.90
N LYS D 6 -26.92 -43.33 12.03
CA LYS D 6 -26.48 -41.95 11.93
C LYS D 6 -25.08 -41.82 11.31
N VAL D 7 -24.98 -40.98 10.29
CA VAL D 7 -23.70 -40.77 9.60
C VAL D 7 -22.81 -39.81 10.38
N SER D 8 -21.51 -40.11 10.39
CA SER D 8 -20.52 -39.30 11.07
C SER D 8 -19.35 -39.04 10.14
N LEU D 9 -18.68 -37.92 10.32
CA LEU D 9 -17.56 -37.56 9.47
C LEU D 9 -16.23 -37.64 10.19
N ASN D 10 -15.18 -37.94 9.44
CA ASN D 10 -13.84 -38.02 9.98
C ASN D 10 -12.82 -37.61 8.93
N PRO D 11 -12.23 -36.41 9.09
CA PRO D 11 -12.46 -35.44 10.15
C PRO D 11 -13.92 -34.96 10.15
N PRO D 12 -14.41 -34.42 11.29
CA PRO D 12 -15.78 -33.92 11.49
C PRO D 12 -16.26 -32.75 10.63
N TRP D 13 -15.35 -32.17 9.86
CA TRP D 13 -15.67 -31.01 9.05
C TRP D 13 -16.54 -31.26 7.83
N ASN D 14 -17.76 -30.73 7.84
CA ASN D 14 -18.65 -30.91 6.71
C ASN D 14 -18.24 -29.95 5.58
N ARG D 15 -17.52 -28.88 5.93
CA ARG D 15 -17.00 -27.95 4.92
C ARG D 15 -15.52 -28.30 4.76
N ILE D 16 -15.08 -28.48 3.52
CA ILE D 16 -13.70 -28.84 3.25
C ILE D 16 -13.23 -28.25 1.91
N PHE D 17 -11.92 -28.30 1.68
CA PHE D 17 -11.34 -27.78 0.47
C PHE D 17 -11.32 -28.76 -0.70
N LYS D 18 -11.25 -28.21 -1.89
CA LYS D 18 -11.20 -29.01 -3.09
C LYS D 18 -9.88 -29.77 -3.04
N GLY D 19 -9.95 -31.08 -3.00
CA GLY D 19 -8.74 -31.86 -2.99
C GLY D 19 -8.51 -32.58 -1.68
N GLU D 20 -9.27 -32.23 -0.65
CA GLU D 20 -9.10 -32.88 0.64
C GLU D 20 -9.83 -34.21 0.70
N ASN D 21 -9.69 -34.90 1.82
CA ASN D 21 -10.30 -36.20 1.99
C ASN D 21 -11.20 -36.22 3.20
N VAL D 22 -12.30 -36.98 3.09
CA VAL D 22 -13.23 -37.13 4.20
C VAL D 22 -13.84 -38.52 4.11
N THR D 23 -14.23 -39.04 5.27
CA THR D 23 -14.81 -40.37 5.36
C THR D 23 -16.09 -40.36 6.16
N LEU D 24 -17.20 -40.69 5.50
CA LEU D 24 -18.49 -40.73 6.17
C LEU D 24 -18.69 -42.15 6.70
N THR D 25 -19.06 -42.25 7.96
CA THR D 25 -19.27 -43.55 8.59
C THR D 25 -20.72 -43.71 9.01
N CYS D 26 -21.27 -44.87 8.68
CA CYS D 26 -22.64 -45.19 9.02
C CYS D 26 -22.66 -45.84 10.39
N ASN D 27 -23.61 -45.33 11.19
CA ASN D 27 -23.94 -45.72 12.55
C ASN D 27 -23.01 -46.70 13.25
N GLY D 28 -22.17 -46.17 14.13
CA GLY D 28 -21.22 -46.99 14.86
C GLY D 28 -21.90 -48.02 15.77
N ASN D 29 -21.94 -49.26 15.29
CA ASN D 29 -22.52 -50.37 16.05
C ASN D 29 -21.55 -51.55 16.07
N ASN D 30 -20.85 -51.68 17.20
CA ASN D 30 -19.86 -52.73 17.41
C ASN D 30 -20.47 -54.07 17.81
N PHE D 31 -21.72 -54.30 17.39
CA PHE D 31 -22.40 -55.56 17.70
C PHE D 31 -22.10 -56.60 16.61
N PHE D 32 -21.39 -57.66 17.00
CA PHE D 32 -20.97 -58.74 16.11
C PHE D 32 -22.13 -59.35 15.30
N VAL D 34 -23.34 -57.11 11.00
CA VAL D 34 -22.89 -57.04 9.62
C VAL D 34 -23.93 -57.60 8.65
N SER D 35 -24.12 -56.90 7.54
CA SER D 35 -25.10 -57.27 6.51
C SER D 35 -24.83 -56.49 5.21
N SER D 36 -25.11 -55.18 5.25
CA SER D 36 -24.91 -54.30 4.11
C SER D 36 -25.17 -52.86 4.52
N THR D 37 -24.67 -51.92 3.73
CA THR D 37 -24.87 -50.50 4.00
C THR D 37 -25.13 -49.77 2.69
N LYS D 38 -26.27 -49.08 2.63
CA LYS D 38 -26.64 -48.33 1.44
C LYS D 38 -26.30 -46.86 1.57
N TRP D 39 -25.65 -46.30 0.55
CA TRP D 39 -25.25 -44.90 0.55
C TRP D 39 -25.97 -44.09 -0.52
N PHE D 40 -26.61 -43.00 -0.10
CA PHE D 40 -27.35 -42.13 -1.00
C PHE D 40 -26.72 -40.73 -1.13
N HIS D 41 -26.18 -40.42 -2.30
CA HIS D 41 -25.57 -39.12 -2.56
C HIS D 41 -26.47 -38.30 -3.47
N ASN D 42 -27.12 -37.30 -2.89
CA ASN D 42 -28.04 -36.42 -3.61
C ASN D 42 -29.27 -37.20 -4.06
N GLY D 43 -29.68 -38.17 -3.26
CA GLY D 43 -30.84 -38.98 -3.58
C GLY D 43 -30.51 -40.24 -4.34
N SER D 44 -29.45 -40.21 -5.14
CA SER D 44 -29.01 -41.37 -5.93
C SER D 44 -28.28 -42.39 -5.08
N LEU D 45 -28.44 -43.66 -5.41
CA LEU D 45 -27.77 -44.72 -4.67
C LEU D 45 -26.32 -44.86 -5.15
N SER D 46 -25.38 -44.80 -4.22
CA SER D 46 -23.97 -44.91 -4.54
C SER D 46 -23.55 -46.36 -4.59
N GLU D 47 -22.51 -46.64 -5.38
CA GLU D 47 -22.00 -47.98 -5.54
C GLU D 47 -21.22 -48.49 -4.33
N GLU D 48 -21.31 -47.78 -3.21
CA GLU D 48 -20.61 -48.18 -2.00
C GLU D 48 -21.48 -49.07 -1.13
N THR D 49 -20.86 -50.09 -0.54
CA THR D 49 -21.56 -51.05 0.32
C THR D 49 -21.04 -51.13 1.77
N ASN D 50 -19.82 -50.65 2.01
CA ASN D 50 -19.23 -50.65 3.36
C ASN D 50 -19.90 -49.61 4.26
N SER D 51 -19.67 -49.73 5.57
CA SER D 51 -20.26 -48.79 6.52
C SER D 51 -19.53 -47.44 6.47
N SER D 52 -18.44 -47.39 5.71
CA SER D 52 -17.66 -46.17 5.56
C SER D 52 -17.39 -45.81 4.10
N LEU D 53 -17.91 -44.68 3.68
CA LEU D 53 -17.76 -44.16 2.33
C LEU D 53 -16.57 -43.21 2.32
N ASN D 54 -15.55 -43.52 1.53
CA ASN D 54 -14.34 -42.70 1.43
C ASN D 54 -14.30 -41.70 0.28
N ILE D 55 -14.24 -40.41 0.61
CA ILE D 55 -14.15 -39.37 -0.40
C ILE D 55 -12.68 -38.97 -0.48
N VAL D 56 -12.12 -39.01 -1.68
CA VAL D 56 -10.72 -38.69 -1.91
C VAL D 56 -10.59 -37.61 -2.99
N ASN D 57 -9.64 -36.70 -2.80
CA ASN D 57 -9.41 -35.60 -3.74
C ASN D 57 -10.71 -34.86 -4.06
N ALA D 58 -11.52 -34.67 -3.01
CA ALA D 58 -12.80 -33.99 -3.11
C ALA D 58 -12.95 -32.98 -4.24
N LYS D 59 -14.01 -33.14 -5.01
CA LYS D 59 -14.33 -32.27 -6.12
C LYS D 59 -15.62 -31.56 -5.71
N PHE D 60 -15.93 -30.46 -6.38
CA PHE D 60 -17.14 -29.72 -6.04
C PHE D 60 -18.32 -30.67 -6.12
N GLU D 61 -18.28 -31.53 -7.14
CA GLU D 61 -19.30 -32.54 -7.41
C GLU D 61 -19.64 -33.37 -6.15
N ASP D 62 -18.63 -33.60 -5.31
CA ASP D 62 -18.82 -34.38 -4.08
C ASP D 62 -19.65 -33.72 -3.01
N SER D 63 -19.95 -32.44 -3.22
CA SER D 63 -20.78 -31.69 -2.29
C SER D 63 -22.17 -32.29 -2.30
N GLY D 64 -22.98 -32.00 -1.31
CA GLY D 64 -24.32 -32.52 -1.31
C GLY D 64 -24.78 -33.25 -0.07
N GLU D 65 -25.96 -33.83 -0.19
CA GLU D 65 -26.61 -34.58 0.89
C GLU D 65 -26.18 -36.04 0.87
N TYR D 66 -25.87 -36.59 2.04
CA TYR D 66 -25.48 -38.00 2.15
C TYR D 66 -26.30 -38.71 3.22
N LYS D 67 -26.70 -39.94 2.92
CA LYS D 67 -27.50 -40.77 3.81
C LYS D 67 -27.05 -42.21 3.70
N CYS D 68 -27.20 -42.97 4.79
CA CYS D 68 -26.85 -44.38 4.79
C CYS D 68 -28.03 -45.19 5.32
N GLN D 69 -28.15 -46.42 4.84
CA GLN D 69 -29.25 -47.29 5.25
C GLN D 69 -28.74 -48.69 5.60
N HIS D 70 -29.19 -49.22 6.73
CA HIS D 70 -28.78 -50.55 7.18
C HIS D 70 -29.87 -51.59 6.95
N GLN D 71 -30.94 -51.49 7.75
CA GLN D 71 -32.07 -52.40 7.65
C GLN D 71 -33.21 -51.63 7.00
N GLN D 72 -33.95 -52.31 6.11
CA GLN D 72 -35.07 -51.69 5.43
C GLN D 72 -36.17 -51.38 6.47
N VAL D 73 -36.02 -50.25 7.15
CA VAL D 73 -36.99 -49.80 8.15
C VAL D 73 -36.92 -48.28 8.05
N ASN D 74 -35.75 -47.72 8.35
CA ASN D 74 -35.56 -46.28 8.23
C ASN D 74 -34.14 -45.90 7.83
N GLU D 75 -34.03 -44.80 7.10
CA GLU D 75 -32.74 -44.28 6.64
C GLU D 75 -32.20 -43.34 7.72
N SER D 76 -30.94 -42.96 7.57
CA SER D 76 -30.29 -42.05 8.49
C SER D 76 -30.64 -40.60 8.19
N GLU D 77 -30.41 -39.71 9.15
CA GLU D 77 -30.68 -38.31 8.93
C GLU D 77 -29.65 -37.79 7.93
N PRO D 78 -30.04 -36.83 7.09
CA PRO D 78 -29.15 -36.25 6.08
C PRO D 78 -27.95 -35.54 6.68
N VAL D 79 -26.83 -35.63 5.98
CA VAL D 79 -25.59 -34.98 6.38
C VAL D 79 -25.13 -34.24 5.13
N TYR D 80 -24.98 -32.93 5.25
CA TYR D 80 -24.57 -32.11 4.11
C TYR D 80 -23.09 -31.79 4.10
N LEU D 81 -22.45 -32.03 2.96
CA LEU D 81 -21.03 -31.80 2.79
C LEU D 81 -20.82 -30.74 1.73
N GLU D 82 -19.99 -29.75 2.02
CA GLU D 82 -19.74 -28.69 1.04
C GLU D 82 -18.25 -28.50 0.72
N VAL D 83 -17.93 -28.49 -0.57
CA VAL D 83 -16.56 -28.34 -1.02
C VAL D 83 -16.23 -26.93 -1.50
N PHE D 84 -15.24 -26.29 -0.86
CA PHE D 84 -14.85 -24.93 -1.21
C PHE D 84 -13.49 -24.87 -1.87
N SER D 85 -13.17 -23.70 -2.39
CA SER D 85 -11.88 -23.45 -3.00
C SER D 85 -11.51 -21.98 -2.85
N ASP D 86 -11.21 -21.63 -1.59
CA ASP D 86 -10.86 -20.28 -1.18
C ASP D 86 -9.52 -20.38 -0.42
N TRP D 87 -8.98 -19.26 0.05
CA TRP D 87 -7.71 -19.24 0.82
C TRP D 87 -7.93 -19.68 2.27
N LEU D 88 -9.02 -19.23 2.85
CA LEU D 88 -9.32 -19.61 4.21
C LEU D 88 -10.73 -20.15 4.28
N LEU D 89 -10.95 -21.18 5.09
CA LEU D 89 -12.26 -21.77 5.20
C LEU D 89 -12.59 -22.02 6.66
N LEU D 90 -13.65 -21.41 7.16
CA LEU D 90 -14.04 -21.59 8.54
C LEU D 90 -14.71 -22.93 8.69
N GLN D 91 -14.14 -23.81 9.51
CA GLN D 91 -14.70 -25.13 9.69
C GLN D 91 -15.35 -25.21 11.04
N ALA D 92 -16.49 -25.91 11.11
CA ALA D 92 -17.22 -26.08 12.37
C ALA D 92 -17.49 -27.56 12.62
N SER D 93 -17.35 -27.96 13.88
CA SER D 93 -17.59 -29.34 14.30
C SER D 93 -19.04 -29.69 14.01
N ALA D 94 -19.89 -28.66 13.97
CA ALA D 94 -21.31 -28.80 13.71
C ALA D 94 -21.90 -27.39 13.56
N GLU D 95 -22.87 -27.21 12.67
CA GLU D 95 -23.48 -25.90 12.43
C GLU D 95 -24.73 -25.66 13.29
N VAL D 96 -25.27 -26.76 13.81
CA VAL D 96 -26.46 -26.74 14.67
C VAL D 96 -26.05 -27.49 15.94
N VAL D 97 -25.87 -26.73 17.01
CA VAL D 97 -25.44 -27.29 18.28
C VAL D 97 -26.48 -27.17 19.38
N MET D 98 -26.67 -28.25 20.13
CA MET D 98 -27.61 -28.24 21.23
C MET D 98 -26.92 -27.70 22.48
N GLU D 99 -27.62 -26.82 23.19
CA GLU D 99 -27.13 -26.18 24.40
C GLU D 99 -26.52 -27.14 25.41
N GLY D 100 -25.22 -27.05 25.61
CA GLY D 100 -24.56 -27.91 26.55
C GLY D 100 -23.42 -28.71 25.98
N GLN D 101 -23.42 -28.94 24.67
CA GLN D 101 -22.34 -29.70 24.05
C GLN D 101 -21.26 -28.78 23.47
N PRO D 102 -20.07 -29.33 23.17
CA PRO D 102 -18.98 -28.52 22.62
C PRO D 102 -19.13 -28.11 21.17
N LEU D 103 -18.53 -26.97 20.84
CA LEU D 103 -18.53 -26.41 19.50
C LEU D 103 -17.07 -26.09 19.14
N PHE D 104 -16.59 -26.65 18.02
CA PHE D 104 -15.23 -26.42 17.60
C PHE D 104 -15.15 -25.69 16.27
N LEU D 105 -14.37 -24.62 16.22
CA LEU D 105 -14.19 -23.85 15.00
C LEU D 105 -12.73 -23.83 14.64
N ARG D 106 -12.45 -23.93 13.36
CA ARG D 106 -11.08 -23.99 12.87
C ARG D 106 -10.94 -23.10 11.64
N CYS D 107 -10.00 -22.15 11.68
CA CYS D 107 -9.78 -21.26 10.54
C CYS D 107 -8.77 -21.90 9.61
N HIS D 108 -9.26 -22.89 8.86
CA HIS D 108 -8.47 -23.70 7.94
C HIS D 108 -7.89 -23.04 6.68
N GLY D 109 -6.58 -23.21 6.47
CA GLY D 109 -5.93 -22.61 5.31
C GLY D 109 -5.76 -23.54 4.12
N TRP D 110 -5.94 -23.00 2.92
CA TRP D 110 -5.79 -23.81 1.71
C TRP D 110 -4.51 -24.62 1.73
N ARG D 111 -4.65 -25.91 1.40
CA ARG D 111 -3.55 -26.87 1.35
C ARG D 111 -2.85 -27.04 2.67
N ASN D 112 -3.52 -26.56 3.71
CA ASN D 112 -2.97 -26.62 5.05
C ASN D 112 -1.81 -25.67 5.25
N TRP D 113 -1.58 -24.79 4.27
CA TRP D 113 -0.53 -23.83 4.39
C TRP D 113 -0.76 -23.03 5.68
N ASP D 114 0.33 -22.64 6.34
CA ASP D 114 0.27 -21.89 7.61
C ASP D 114 -0.44 -20.55 7.49
N VAL D 115 -1.24 -20.25 8.51
CA VAL D 115 -2.01 -19.00 8.62
C VAL D 115 -1.53 -18.28 9.89
N TYR D 116 -1.20 -17.00 9.77
CA TYR D 116 -0.77 -16.23 10.95
C TYR D 116 -1.75 -15.10 11.20
N LYS D 117 -1.66 -14.47 12.37
CA LYS D 117 -2.54 -13.36 12.71
C LYS D 117 -3.99 -13.79 12.51
N VAL D 118 -4.35 -14.94 13.06
CA VAL D 118 -5.71 -15.43 12.92
C VAL D 118 -6.67 -14.75 13.86
N ILE D 119 -7.75 -14.21 13.33
CA ILE D 119 -8.77 -13.57 14.14
C ILE D 119 -10.11 -14.20 13.83
N TYR D 120 -10.85 -14.59 14.86
CA TYR D 120 -12.18 -15.17 14.68
C TYR D 120 -13.20 -14.13 15.02
N TYR D 121 -14.17 -13.90 14.12
CA TYR D 121 -15.22 -12.93 14.37
C TYR D 121 -16.59 -13.59 14.51
N LYS D 122 -17.48 -12.93 15.25
CA LYS D 122 -18.86 -13.39 15.45
C LYS D 122 -19.75 -12.17 15.34
N ASP D 123 -20.65 -12.17 14.36
CA ASP D 123 -21.57 -11.06 14.13
C ASP D 123 -20.82 -9.75 13.95
N GLY D 124 -19.66 -9.82 13.32
CA GLY D 124 -18.87 -8.61 13.08
C GLY D 124 -17.88 -8.26 14.18
N GLU D 125 -17.95 -8.95 15.31
CA GLU D 125 -17.03 -8.66 16.41
C GLU D 125 -15.88 -9.66 16.52
N ALA D 126 -14.68 -9.12 16.69
CA ALA D 126 -13.49 -9.94 16.84
C ALA D 126 -13.50 -10.63 18.19
N LEU D 127 -13.60 -11.95 18.19
CA LEU D 127 -13.63 -12.73 19.43
C LEU D 127 -12.27 -13.05 20.01
N LYS D 128 -11.38 -13.61 19.19
CA LYS D 128 -10.03 -13.97 19.61
C LYS D 128 -8.97 -13.72 18.54
N TYR D 129 -7.71 -13.63 18.97
CA TYR D 129 -6.57 -13.39 18.11
C TYR D 129 -5.36 -14.22 18.53
N TRP D 130 -4.82 -14.98 17.59
CA TRP D 130 -3.65 -15.84 17.81
C TRP D 130 -2.63 -15.70 16.68
N TYR D 131 -1.43 -15.22 16.98
CA TYR D 131 -0.37 -15.07 15.97
C TYR D 131 -0.18 -16.36 15.14
N GLU D 132 -0.13 -17.50 15.82
CA GLU D 132 0.01 -18.81 15.17
C GLU D 132 -1.40 -19.41 15.11
N ASN D 133 -1.76 -20.06 13.99
CA ASN D 133 -3.10 -20.64 13.87
C ASN D 133 -3.43 -21.52 15.06
N HIS D 134 -4.62 -21.27 15.63
CA HIS D 134 -5.11 -21.98 16.79
C HIS D 134 -6.62 -22.07 16.62
N ASN D 135 -7.18 -23.24 16.90
CA ASN D 135 -8.62 -23.47 16.79
C ASN D 135 -9.32 -22.74 17.94
N ILE D 136 -10.60 -22.43 17.77
CA ILE D 136 -11.35 -21.79 18.83
C ILE D 136 -12.31 -22.86 19.32
N SER D 137 -12.34 -23.05 20.64
CA SER D 137 -13.18 -24.10 21.21
C SER D 137 -14.17 -23.65 22.28
N ILE D 138 -15.46 -23.82 21.98
CA ILE D 138 -16.54 -23.45 22.90
C ILE D 138 -16.96 -24.70 23.68
N THR D 139 -16.38 -24.87 24.86
CA THR D 139 -16.64 -26.02 25.73
C THR D 139 -18.10 -26.29 26.09
N ASN D 140 -18.84 -25.26 26.49
CA ASN D 140 -20.25 -25.41 26.83
C ASN D 140 -21.06 -24.45 25.97
N ALA D 141 -21.62 -24.97 24.88
CA ALA D 141 -22.40 -24.16 23.95
C ALA D 141 -23.61 -23.50 24.58
N THR D 142 -23.76 -22.20 24.32
CA THR D 142 -24.87 -21.41 24.85
C THR D 142 -25.65 -20.84 23.69
N VAL D 143 -26.93 -20.57 23.92
CA VAL D 143 -27.78 -19.99 22.87
C VAL D 143 -27.17 -18.67 22.42
N GLU D 144 -26.47 -18.01 23.34
CA GLU D 144 -25.83 -16.74 23.04
C GLU D 144 -24.75 -16.93 21.99
N ASP D 145 -24.15 -18.12 22.00
CA ASP D 145 -23.10 -18.48 21.06
C ASP D 145 -23.55 -18.60 19.62
N SER D 146 -24.83 -18.38 19.36
CA SER D 146 -25.35 -18.43 18.00
C SER D 146 -24.89 -17.17 17.28
N GLY D 147 -24.95 -17.20 15.96
CA GLY D 147 -24.53 -16.03 15.19
C GLY D 147 -23.71 -16.45 13.99
N THR D 148 -23.32 -15.48 13.19
CA THR D 148 -22.52 -15.77 12.00
C THR D 148 -21.04 -15.53 12.29
N TYR D 149 -20.26 -16.59 12.17
CA TYR D 149 -18.83 -16.52 12.42
C TYR D 149 -18.03 -16.51 11.13
N TYR D 150 -16.79 -16.01 11.24
CA TYR D 150 -15.85 -15.98 10.14
C TYR D 150 -14.48 -15.64 10.71
N CYS D 151 -13.43 -15.83 9.92
CA CYS D 151 -12.08 -15.55 10.40
C CYS D 151 -11.27 -14.90 9.32
N THR D 152 -10.15 -14.30 9.72
CA THR D 152 -9.23 -13.65 8.80
C THR D 152 -7.84 -14.12 9.22
N GLY D 153 -6.91 -14.09 8.28
CA GLY D 153 -5.57 -14.52 8.61
C GLY D 153 -4.64 -14.18 7.49
N LYS D 154 -3.38 -14.57 7.67
CA LYS D 154 -2.39 -14.31 6.66
C LYS D 154 -1.75 -15.60 6.20
N VAL D 155 -1.65 -15.70 4.88
CA VAL D 155 -1.07 -16.87 4.24
C VAL D 155 -0.05 -16.32 3.27
N TRP D 156 1.18 -16.81 3.37
CA TRP D 156 2.29 -16.35 2.52
C TRP D 156 2.43 -14.83 2.58
N GLN D 157 2.17 -14.30 3.77
CA GLN D 157 2.24 -12.87 4.11
C GLN D 157 1.17 -12.00 3.52
N LEU D 158 0.14 -12.59 2.93
CA LEU D 158 -0.95 -11.79 2.38
C LEU D 158 -2.20 -12.02 3.23
N ASP D 159 -3.08 -11.01 3.23
CA ASP D 159 -4.31 -11.02 4.01
C ASP D 159 -5.50 -11.64 3.31
N TYR D 160 -6.30 -12.42 4.04
CA TYR D 160 -7.47 -13.07 3.47
C TYR D 160 -8.59 -13.21 4.48
N GLU D 161 -9.82 -13.22 3.99
CA GLU D 161 -10.99 -13.38 4.85
C GLU D 161 -11.72 -14.63 4.40
N SER D 162 -12.41 -15.28 5.33
CA SER D 162 -13.15 -16.49 5.02
C SER D 162 -14.62 -16.17 4.86
N GLU D 163 -15.31 -17.02 4.10
CA GLU D 163 -16.73 -16.86 3.89
C GLU D 163 -17.37 -17.04 5.25
N PRO D 164 -18.45 -16.31 5.52
CA PRO D 164 -19.13 -16.42 6.81
C PRO D 164 -19.90 -17.73 6.92
N LEU D 165 -20.16 -18.14 8.16
CA LEU D 165 -20.87 -19.37 8.43
C LEU D 165 -21.84 -19.18 9.58
N ASN D 166 -23.11 -19.50 9.32
CA ASN D 166 -24.15 -19.38 10.35
C ASN D 166 -24.11 -20.57 11.28
N ILE D 167 -24.01 -20.28 12.57
CA ILE D 167 -23.98 -21.33 13.58
C ILE D 167 -25.10 -21.05 14.57
N THR D 168 -25.93 -22.07 14.80
CA THR D 168 -27.07 -21.93 15.71
C THR D 168 -27.01 -22.91 16.86
N VAL D 169 -27.21 -22.38 18.07
CA VAL D 169 -27.21 -23.18 19.28
C VAL D 169 -28.62 -23.17 19.87
N ILE D 170 -29.31 -24.31 19.76
CA ILE D 170 -30.68 -24.46 20.26
C ILE D 170 -30.66 -25.08 21.66
N LYS D 171 -31.84 -25.38 22.21
CA LYS D 171 -31.89 -26.01 23.53
C LYS D 171 -31.94 -27.54 23.42
N VAL E 1 -0.27 24.70 22.13
CA VAL E 1 -0.18 23.81 20.99
C VAL E 1 0.42 24.56 19.81
N GLN E 2 1.62 24.16 19.39
CA GLN E 2 2.32 24.78 18.28
C GLN E 2 1.96 24.09 16.95
N CYS E 3 1.60 24.89 15.94
CA CYS E 3 1.27 24.35 14.62
C CYS E 3 2.22 24.87 13.53
N PRO E 4 2.36 24.11 12.43
CA PRO E 4 3.25 24.51 11.33
C PRO E 4 2.77 25.84 10.72
N HIS E 5 3.65 26.51 9.96
CA HIS E 5 3.31 27.78 9.35
C HIS E 5 2.13 27.67 8.40
N PHE E 6 2.21 26.71 7.47
CA PHE E 6 1.18 26.51 6.47
C PHE E 6 -0.25 26.50 6.97
N CYS E 7 -0.46 26.19 8.23
CA CYS E 7 -1.82 26.19 8.75
C CYS E 7 -2.40 27.59 8.61
N TYR E 8 -1.52 28.58 8.66
CA TYR E 8 -1.95 29.98 8.58
C TYR E 8 -1.58 30.66 7.27
N GLU E 9 -0.49 30.22 6.64
CA GLU E 9 -0.03 30.78 5.38
C GLU E 9 -1.04 30.56 4.23
N LEU E 10 -1.43 29.30 4.05
CA LEU E 10 -2.34 28.90 2.98
C LEU E 10 -3.70 29.56 2.97
N ASP E 11 -4.44 29.37 1.88
CA ASP E 11 -5.77 29.94 1.74
C ASP E 11 -6.77 29.22 2.65
N TYR E 12 -6.96 27.93 2.40
CA TYR E 12 -7.85 27.09 3.18
C TYR E 12 -7.09 26.60 4.43
N GLU E 13 -7.81 26.41 5.55
CA GLU E 13 -7.17 25.94 6.78
C GLU E 13 -7.17 24.41 6.83
N LEU E 14 -6.00 23.81 6.70
CA LEU E 14 -5.91 22.36 6.68
C LEU E 14 -5.68 21.70 8.03
N CYS E 15 -5.33 22.50 9.04
CA CYS E 15 -5.02 21.96 10.35
C CYS E 15 -6.17 21.80 11.32
N PRO E 16 -5.98 21.00 12.37
CA PRO E 16 -7.02 20.78 13.38
C PRO E 16 -7.43 22.13 14.01
N ASP E 17 -8.62 22.15 14.61
CA ASP E 17 -9.17 23.34 15.24
C ASP E 17 -8.27 23.92 16.32
N VAL E 18 -7.66 23.02 17.07
CA VAL E 18 -6.76 23.37 18.15
C VAL E 18 -5.69 24.38 17.72
N CYS E 19 -5.54 24.57 16.41
CA CYS E 19 -4.53 25.50 15.89
C CYS E 19 -5.08 26.90 15.70
N TYR E 20 -6.39 27.02 15.59
CA TYR E 20 -7.05 28.29 15.32
C TYR E 20 -7.75 29.04 16.46
N VAL E 21 -7.81 30.37 16.32
CA VAL E 21 -8.44 31.25 17.31
C VAL E 21 -7.77 31.16 18.68
N VAL F 1 23.20 -23.27 7.20
CA VAL F 1 22.03 -22.48 6.84
C VAL F 1 20.75 -23.27 7.05
N GLN F 2 20.05 -22.98 8.14
CA GLN F 2 18.78 -23.65 8.41
C GLN F 2 17.65 -22.87 7.76
N CYS F 3 16.83 -23.58 6.99
CA CYS F 3 15.69 -22.96 6.34
C CYS F 3 14.47 -23.44 7.10
N PRO F 4 13.39 -22.68 7.04
CA PRO F 4 12.17 -23.07 7.74
C PRO F 4 11.63 -24.39 7.18
N HIS F 5 11.04 -25.21 8.06
CA HIS F 5 10.49 -26.51 7.67
C HIS F 5 9.81 -26.55 6.29
N PHE F 6 8.84 -25.67 6.06
CA PHE F 6 8.11 -25.69 4.79
C PHE F 6 8.95 -25.69 3.51
N CYS F 7 10.27 -25.52 3.62
CA CYS F 7 11.07 -25.51 2.41
C CYS F 7 11.18 -26.89 1.83
N TYR F 8 11.26 -27.88 2.70
CA TYR F 8 11.42 -29.26 2.27
C TYR F 8 10.18 -30.12 2.39
N GLU F 9 9.32 -29.76 3.34
CA GLU F 9 8.10 -30.53 3.60
C GLU F 9 6.91 -30.19 2.74
N LEU F 10 7.13 -29.44 1.67
CA LEU F 10 6.04 -29.10 0.76
C LEU F 10 6.31 -29.67 -0.62
N ASP F 11 5.27 -29.63 -1.44
CA ASP F 11 5.31 -30.13 -2.82
C ASP F 11 6.36 -29.36 -3.61
N TYR F 12 6.10 -28.06 -3.81
CA TYR F 12 7.05 -27.20 -4.52
C TYR F 12 8.10 -26.65 -3.56
N GLU F 13 9.28 -26.37 -4.12
CA GLU F 13 10.38 -25.81 -3.34
C GLU F 13 10.27 -24.27 -3.42
N LEU F 14 9.84 -23.68 -2.32
CA LEU F 14 9.64 -22.24 -2.25
C LEU F 14 10.82 -21.40 -1.73
N CYS F 15 11.84 -22.07 -1.18
CA CYS F 15 13.02 -21.40 -0.63
C CYS F 15 14.18 -21.20 -1.60
N PRO F 16 15.16 -20.37 -1.23
CA PRO F 16 16.30 -20.11 -2.10
C PRO F 16 17.23 -21.30 -2.28
N ASP F 17 18.03 -21.23 -3.34
CA ASP F 17 18.97 -22.28 -3.70
C ASP F 17 19.80 -22.87 -2.59
N VAL F 18 20.26 -22.01 -1.69
CA VAL F 18 21.09 -22.47 -0.62
C VAL F 18 20.42 -23.45 0.36
N CYS F 19 19.10 -23.63 0.26
CA CYS F 19 18.41 -24.57 1.16
C CYS F 19 18.50 -25.99 0.64
N TYR F 20 18.61 -26.11 -0.67
CA TYR F 20 18.62 -27.39 -1.35
C TYR F 20 19.95 -28.03 -1.76
N VAL F 21 21.00 -27.22 -1.86
CA VAL F 21 22.33 -27.71 -2.22
C VAL F 21 22.35 -28.49 -3.54
N VAL G 1 -2.40 9.83 -11.11
CA VAL G 1 -3.48 10.65 -10.54
C VAL G 1 -3.16 10.97 -9.08
N GLN G 2 -3.83 10.28 -8.15
CA GLN G 2 -3.65 10.42 -6.70
C GLN G 2 -3.78 11.84 -6.08
N CYS G 3 -4.85 12.08 -5.33
CA CYS G 3 -5.04 13.40 -4.75
C CYS G 3 -5.53 13.43 -3.32
N PRO G 4 -4.90 14.25 -2.46
CA PRO G 4 -5.27 14.36 -1.06
C PRO G 4 -6.71 14.78 -0.90
N HIS G 5 -7.40 14.13 0.03
CA HIS G 5 -8.81 14.36 0.32
C HIS G 5 -9.34 15.79 0.43
N PHE G 6 -8.52 16.74 0.86
CA PHE G 6 -8.96 18.14 0.99
C PHE G 6 -9.22 18.72 -0.35
N CYS G 7 -8.66 18.10 -1.37
CA CYS G 7 -8.83 18.56 -2.73
C CYS G 7 -10.29 18.64 -3.15
N TYR G 8 -11.07 17.68 -2.68
CA TYR G 8 -12.49 17.62 -3.01
C TYR G 8 -13.36 18.27 -1.96
N GLU G 9 -12.77 18.62 -0.82
CA GLU G 9 -13.51 19.33 0.25
C GLU G 9 -13.52 20.75 -0.27
N LEU G 10 -14.11 21.68 0.47
CA LEU G 10 -14.13 23.06 0.01
C LEU G 10 -14.92 23.24 -1.30
N ASP G 11 -15.44 24.45 -1.48
CA ASP G 11 -16.23 24.77 -2.66
C ASP G 11 -15.39 25.47 -3.71
N TYR G 12 -14.39 24.77 -4.23
CA TYR G 12 -13.47 25.33 -5.22
C TYR G 12 -12.45 24.27 -5.67
N GLU G 13 -11.98 24.35 -6.91
CA GLU G 13 -10.99 23.40 -7.39
C GLU G 13 -9.59 23.93 -7.09
N LEU G 14 -9.18 23.69 -5.86
CA LEU G 14 -7.89 24.13 -5.32
C LEU G 14 -6.69 23.39 -5.92
N CYS G 15 -6.83 22.08 -6.10
CA CYS G 15 -5.77 21.24 -6.61
C CYS G 15 -5.66 21.22 -8.14
N PRO G 16 -4.67 20.50 -8.70
CA PRO G 16 -4.51 20.45 -10.16
C PRO G 16 -5.70 19.81 -10.88
N ASP G 17 -5.83 20.12 -12.17
CA ASP G 17 -6.89 19.59 -13.02
C ASP G 17 -6.92 18.07 -12.88
N VAL G 18 -5.74 17.45 -13.01
CA VAL G 18 -5.61 16.00 -12.95
C VAL G 18 -6.49 15.35 -11.89
N CYS G 19 -6.61 15.99 -10.74
CA CYS G 19 -7.42 15.45 -9.66
C CYS G 19 -8.85 15.33 -10.13
N TYR G 20 -9.46 16.48 -10.40
CA TYR G 20 -10.86 16.59 -10.84
C TYR G 20 -11.19 15.98 -12.22
N VAL G 21 -10.23 15.23 -12.77
CA VAL G 21 -10.36 14.55 -14.06
C VAL G 21 -10.97 15.41 -15.15
N VAL H 1 -8.56 -10.46 -5.69
CA VAL H 1 -7.40 -10.41 -4.80
C VAL H 1 -6.18 -11.08 -5.44
N GLN H 2 -5.01 -10.43 -5.38
CA GLN H 2 -3.78 -11.00 -5.95
C GLN H 2 -3.18 -12.11 -5.06
N CYS H 3 -2.41 -12.99 -5.69
CA CYS H 3 -1.83 -14.11 -4.97
C CYS H 3 -0.33 -14.18 -5.14
N PRO H 4 0.35 -14.94 -4.26
CA PRO H 4 1.79 -15.05 -4.38
C PRO H 4 2.16 -15.48 -5.79
N HIS H 5 3.22 -14.89 -6.34
CA HIS H 5 3.63 -15.23 -7.69
C HIS H 5 3.87 -16.73 -7.88
N PHE H 6 4.31 -17.41 -6.83
CA PHE H 6 4.58 -18.83 -6.96
C PHE H 6 3.39 -19.63 -7.47
N CYS H 7 2.18 -19.08 -7.32
CA CYS H 7 0.97 -19.76 -7.82
C CYS H 7 1.07 -19.90 -9.33
N TYR H 8 1.38 -18.77 -9.96
CA TYR H 8 1.49 -18.69 -11.40
C TYR H 8 2.87 -19.06 -11.88
N GLU H 9 3.69 -19.73 -11.08
CA GLU H 9 5.02 -20.05 -11.60
C GLU H 9 5.35 -21.52 -11.70
N LEU H 10 4.31 -22.30 -11.95
CA LEU H 10 4.42 -23.76 -12.11
C LEU H 10 3.48 -24.30 -13.16
N ASP H 11 3.62 -25.60 -13.44
CA ASP H 11 2.77 -26.26 -14.40
C ASP H 11 1.39 -26.46 -13.81
N TYR H 12 1.34 -26.94 -12.58
CA TYR H 12 0.07 -27.18 -11.88
C TYR H 12 -0.53 -25.87 -11.33
N GLU H 13 -1.83 -25.90 -11.05
CA GLU H 13 -2.52 -24.76 -10.48
C GLU H 13 -2.55 -24.99 -8.95
N LEU H 14 -1.39 -24.73 -8.33
CA LEU H 14 -1.15 -24.93 -6.90
C LEU H 14 -2.13 -24.26 -5.93
N CYS H 15 -2.26 -22.96 -6.06
CA CYS H 15 -3.12 -22.16 -5.20
C CYS H 15 -4.60 -22.39 -5.46
N PRO H 16 -5.50 -21.82 -4.60
CA PRO H 16 -6.93 -22.01 -4.82
C PRO H 16 -7.31 -21.29 -6.12
N ASP H 17 -8.23 -21.86 -6.87
CA ASP H 17 -8.64 -21.30 -8.15
C ASP H 17 -9.16 -19.85 -8.18
N VAL H 18 -9.17 -19.18 -7.05
CA VAL H 18 -9.61 -17.79 -7.04
C VAL H 18 -8.47 -16.94 -7.65
N CYS H 19 -7.29 -17.54 -7.76
CA CYS H 19 -6.13 -16.85 -8.29
C CYS H 19 -6.07 -16.99 -9.78
N TYR H 20 -6.94 -17.83 -10.32
CA TYR H 20 -6.97 -18.07 -11.76
C TYR H 20 -8.33 -17.73 -12.38
N VAL H 21 -8.42 -16.51 -12.92
CA VAL H 21 -9.63 -16.00 -13.56
C VAL H 21 -10.92 -16.26 -12.78
C1 NAG I . -15.19 9.51 2.46
C2 NAG I . -13.78 9.53 1.93
C3 NAG I . -13.71 10.62 0.91
C4 NAG I . -14.72 10.41 -0.20
C5 NAG I . -16.12 10.01 0.31
C6 NAG I . -16.90 9.29 -0.78
C7 NAG I . -12.04 8.81 3.41
C8 NAG I . -11.10 9.16 4.56
N2 NAG I . -12.86 9.77 3.01
O3 NAG I . -12.40 10.65 0.35
O4 NAG I . -14.82 11.68 -0.87
O5 NAG I . -16.06 9.08 1.42
O6 NAG I . -18.26 9.69 -0.81
O7 NAG I . -12.03 7.67 2.92
C1 NAG I . -14.96 11.70 -2.25
C2 NAG I . -14.96 13.14 -2.71
C3 NAG I . -15.28 13.11 -4.18
C4 NAG I . -14.19 12.37 -4.93
C5 NAG I . -13.89 10.98 -4.27
C6 NAG I . -12.55 10.40 -4.69
C7 NAG I . -17.21 13.69 -1.96
C8 NAG I . -18.10 14.58 -1.10
N2 NAG I . -15.90 13.94 -1.93
O3 NAG I . -15.40 14.44 -4.69
O4 NAG I . -14.72 12.19 -6.27
O5 NAG I . -13.83 11.05 -2.83
O6 NAG I . -11.57 10.62 -3.69
O7 NAG I . -17.71 12.80 -2.67
C1 NAG I . -13.97 11.86 -7.41
C2 NAG I . -13.76 13.03 -8.36
C3 NAG I . -13.04 12.54 -9.61
C4 NAG I . -11.78 11.75 -9.23
C5 NAG I . -12.16 10.63 -8.25
C6 NAG I . -11.00 9.76 -7.83
C7 NAG I . -15.23 14.90 -8.84
C8 NAG I . -16.62 15.38 -9.22
N2 NAG I . -15.05 13.59 -8.72
O3 NAG I . -12.71 13.63 -10.44
O4 NAG I . -11.13 11.20 -10.36
O5 NAG I . -12.74 11.22 -7.07
O6 NAG I . -10.45 10.21 -6.60
O7 NAG I . -14.33 15.72 -8.68
C1 NAG J . -25.93 13.82 19.14
C2 NAG J . -25.77 15.22 18.58
C3 NAG J . -24.31 15.65 18.69
C4 NAG J . -23.89 15.57 20.13
C5 NAG J . -24.09 14.15 20.61
C6 NAG J . -23.71 13.97 22.07
C7 NAG J . -27.45 15.30 16.85
C8 NAG J . -27.78 15.33 15.37
N2 NAG J . -26.17 15.26 17.19
O3 NAG J . -24.14 16.97 18.21
O4 NAG J . -22.49 15.89 20.22
O5 NAG J . -25.48 13.79 20.49
O6 NAG J . -23.88 12.61 22.47
O7 NAG J . -28.34 15.26 17.67
C1 NAG J . -22.13 17.18 20.54
C2 NAG J . -20.65 17.16 20.92
C3 NAG J . -20.01 18.52 20.96
C4 NAG J . -20.29 19.08 19.62
C5 NAG J . -21.77 19.27 19.45
C6 NAG J . -22.11 20.00 18.16
C7 NAG J . -19.71 15.39 22.22
C8 NAG J . -19.52 14.73 23.58
N2 NAG J . -20.44 16.49 22.18
O3 NAG J . -18.60 18.34 21.14
O4 NAG J . -19.51 20.26 19.29
O5 NAG J . -22.36 17.97 19.38
O6 NAG J . -23.49 19.81 17.82
O7 NAG J . -19.22 14.88 21.22
C1 BMA J . -19.41 21.40 20.06
C2 BMA J . -17.87 21.63 20.30
C3 BMA J . -17.42 23.09 20.34
C4 BMA J . -18.11 23.90 19.25
C5 BMA J . -19.60 23.76 19.49
C6 BMA J . -20.44 24.65 18.57
O2 BMA J . -17.08 20.94 19.33
O3 BMA J . -15.98 23.19 20.20
O4 BMA J . -17.71 25.30 19.35
O5 BMA J . -20.01 22.41 19.23
O6 BMA J . -19.72 25.00 17.38
C1 BMA J . -15.42 24.05 21.16
C2 BMA J . -15.59 23.48 22.58
C3 BMA J . -15.11 24.51 23.59
C4 BMA J . -13.67 24.93 23.27
C5 BMA J . -13.57 25.39 21.81
C6 BMA J . -12.17 25.75 21.36
O2 BMA J . -14.82 22.29 22.71
O3 BMA J . -15.18 23.95 24.89
O4 BMA J . -13.28 25.99 24.13
O5 BMA J . -14.06 24.36 20.93
O6 BMA J . -12.12 26.01 19.96
C1 BMA J . -18.57 26.15 20.05
C2 BMA J . -17.78 27.07 20.99
C3 BMA J . -18.75 28.01 21.71
C4 BMA J . -19.60 28.77 20.69
C5 BMA J . -20.28 27.78 19.74
C6 BMA J . -21.08 28.48 18.65
O2 BMA J . -16.84 27.84 20.25
O3 BMA J . -18.04 28.92 22.54
O4 BMA J . -20.58 29.54 21.36
O5 BMA J . -19.30 26.95 19.10
O6 BMA J . -20.47 28.30 17.38
C1 NAG K . -11.27 8.04 33.32
C2 NAG K . -12.40 9.02 33.62
C3 NAG K . -12.07 9.98 34.78
C4 NAG K . -11.35 9.28 35.95
C5 NAG K . -10.23 8.37 35.42
C6 NAG K . -9.52 7.58 36.51
C7 NAG K . -13.95 9.88 31.97
C8 NAG K . -14.20 10.77 30.77
N2 NAG K . -12.72 9.83 32.45
O3 NAG K . -13.27 10.56 35.27
O4 NAG K . -10.76 10.29 36.81
O5 NAG K . -10.79 7.42 34.52
O6 NAG K . -10.43 6.83 37.33
O7 NAG K . -14.88 9.20 32.42
C1 NAG K . -11.48 10.60 37.96
C2 NAG K . -10.58 11.29 38.97
C3 NAG K . -11.39 11.57 40.22
C4 NAG K . -12.63 12.40 39.87
C5 NAG K . -13.42 11.74 38.74
C6 NAG K . -14.54 12.62 38.23
C7 NAG K . -8.31 10.55 38.57
C8 NAG K . -7.15 9.65 38.95
N2 NAG K . -9.43 10.45 39.28
O3 NAG K . -10.60 12.27 41.18
O4 NAG K . -13.47 12.53 41.02
O5 NAG K . -12.55 11.48 37.61
O6 NAG K . -15.12 12.11 37.03
O7 NAG K . -8.19 11.33 37.62
C1 BMA K . -13.88 13.82 41.35
C2 BMA K . -15.02 13.75 42.37
C3 BMA K . -15.41 15.15 42.82
C4 BMA K . -14.17 15.91 43.31
C5 BMA K . -13.08 15.87 42.25
C6 BMA K . -11.79 16.53 42.73
O2 BMA K . -14.62 12.97 43.49
O3 BMA K . -16.37 15.07 43.87
O4 BMA K . -14.52 17.26 43.60
O5 BMA K . -12.76 14.51 41.90
O6 BMA K . -11.24 15.83 43.83
C1 NAG L . 6.96 -10.23 -13.26
C2 NAG L . 6.08 -10.25 -12.03
C3 NAG L . 5.00 -11.32 -12.15
C4 NAG L . 4.21 -11.18 -13.45
C5 NAG L . 5.15 -10.95 -14.65
C6 NAG L . 4.36 -10.46 -15.86
C7 NAG L . 6.81 -9.61 -9.82
C8 NAG L . 7.68 -9.92 -8.61
N2 NAG L . 6.86 -10.48 -10.83
O3 NAG L . 4.10 -11.20 -11.06
O4 NAG L . 3.46 -12.41 -13.65
O5 NAG L . 6.13 -9.92 -14.37
O6 NAG L . 4.23 -11.49 -16.84
O7 NAG L . 6.12 -8.59 -9.84
C1 NAG L . 2.08 -12.30 -13.83
C2 NAG L . 1.54 -13.61 -14.35
C3 NAG L . 0.04 -13.49 -14.55
C4 NAG L . -0.66 -13.04 -13.24
C5 NAG L . 0.07 -11.83 -12.64
C6 NAG L . -0.42 -11.55 -11.22
C7 NAG L . 3.28 -14.74 -15.62
C8 NAG L . 3.84 -15.08 -16.99
N2 NAG L . 2.17 -13.98 -15.60
O3 NAG L . -0.47 -14.74 -14.97
O4 NAG L . -2.04 -12.68 -13.51
O5 NAG L . 1.49 -12.04 -12.56
O6 NAG L . 0.62 -11.76 -10.26
O7 NAG L . 3.85 -15.12 -14.59
C1 NAG L . -3.02 -13.68 -13.41
C2 NAG L . -4.43 -13.11 -13.59
C3 NAG L . -5.43 -14.27 -13.55
C4 NAG L . -5.06 -15.34 -14.55
C5 NAG L . -3.62 -15.78 -14.35
C6 NAG L . -3.17 -16.76 -15.40
C7 NAG L . -5.71 -12.20 -11.70
C8 NAG L . -5.88 -11.04 -10.72
N2 NAG L . -4.72 -12.10 -12.59
O3 NAG L . -6.73 -13.79 -13.88
O4 NAG L . -5.93 -16.46 -14.43
O5 NAG L . -2.75 -14.64 -14.43
O6 NAG L . -2.97 -16.12 -16.64
O7 NAG L . -6.46 -13.19 -11.60
C1 NAG M . 26.20 -13.44 -19.58
C2 NAG M . 25.67 -14.84 -19.48
C3 NAG M . 25.46 -15.19 -18.03
C4 NAG M . 26.76 -15.03 -17.26
C5 NAG M . 27.41 -13.66 -17.54
C6 NAG M . 28.84 -13.61 -16.99
C7 NAG M . 24.36 -15.73 -21.26
C8 NAG M . 23.02 -15.83 -21.96
N2 NAG M . 24.42 -14.97 -20.18
O3 NAG M . 25.01 -16.53 -17.94
O4 NAG M . 26.49 -15.13 -15.86
O5 NAG M . 27.49 -13.40 -18.96
O6 NAG M . 29.03 -12.49 -16.14
O7 NAG M . 25.34 -16.31 -21.71
C1 NAG M . 26.80 -16.33 -15.24
C2 NAG M . 26.85 -16.10 -13.72
C3 NAG M . 26.99 -17.42 -12.98
C4 NAG M . 25.75 -18.14 -13.38
C5 NAG M . 25.87 -18.51 -14.85
C6 NAG M . 24.77 -19.45 -15.37
C7 NAG M . 27.63 -14.20 -12.48
C8 NAG M . 28.79 -13.26 -12.11
N2 NAG M . 27.90 -15.18 -13.33
O3 NAG M . 27.05 -17.19 -11.58
O4 NAG M . 25.34 -19.22 -12.50
O5 NAG M . 25.79 -17.29 -15.61
O6 NAG M . 24.72 -19.46 -16.79
O7 NAG M . 26.51 -14.00 -12.01
C1 BMA M . 26.05 -20.34 -12.18
C2 BMA M . 26.17 -20.35 -10.64
C3 BMA M . 26.47 -21.73 -10.05
C4 BMA M . 25.48 -22.73 -10.59
C5 BMA M . 25.61 -22.73 -12.11
C6 BMA M . 24.67 -23.73 -12.75
O2 BMA M . 24.97 -19.85 -10.06
O3 BMA M . 26.33 -21.67 -8.61
O4 BMA M . 25.79 -24.04 -10.07
O5 BMA M . 25.23 -21.44 -12.63
O6 BMA M . 23.54 -23.97 -11.93
C1 BMA M . 27.46 -21.20 -7.94
C2 BMA M . 27.50 -19.67 -8.01
C3 BMA M . 28.78 -19.18 -7.36
C4 BMA M . 28.88 -19.71 -5.93
C5 BMA M . 28.66 -21.22 -5.87
C6 BMA M . 28.49 -21.70 -4.44
O2 BMA M . 26.38 -19.13 -7.33
O3 BMA M . 28.80 -17.77 -7.35
O4 BMA M . 30.16 -19.40 -5.40
O5 BMA M . 27.48 -21.60 -6.57
O6 BMA M . 27.34 -21.12 -3.85
C1 BMA M . 26.70 -24.79 -10.81
C2 BMA M . 27.86 -25.26 -9.93
C3 BMA M . 28.84 -26.02 -10.81
C4 BMA M . 28.13 -27.15 -11.55
C5 BMA M . 26.89 -26.64 -12.28
C6 BMA M . 26.06 -27.76 -12.88
O2 BMA M . 27.36 -26.11 -8.90
O3 BMA M . 29.91 -26.54 -10.03
O4 BMA M . 29.03 -27.73 -12.49
O5 BMA M . 26.03 -25.92 -11.37
O6 BMA M . 25.91 -28.84 -11.97
C1 NAG N . 35.60 -6.00 -2.64
C2 NAG N . 35.52 -7.13 -3.66
C3 NAG N . 36.14 -8.40 -3.06
C4 NAG N . 37.58 -8.08 -2.66
C5 NAG N . 37.58 -6.91 -1.65
C6 NAG N . 38.97 -6.50 -1.21
C7 NAG N . 33.80 -7.98 -5.14
C8 NAG N . 32.30 -8.22 -5.38
N2 NAG N . 34.13 -7.39 -4.00
O3 NAG N . 36.12 -9.46 -4.00
O4 NAG N . 38.22 -9.25 -2.09
O5 NAG N . 36.96 -5.75 -2.25
O6 NAG N . 39.46 -7.35 -0.18
O7 NAG N . 34.62 -8.34 -5.98
C1 NAG N . 39.05 -9.94 -2.96
C2 NAG N . 40.16 -10.66 -2.19
C3 NAG N . 41.02 -11.47 -3.17
C4 NAG N . 40.16 -12.37 -4.06
C5 NAG N . 39.02 -11.56 -4.69
C6 NAG N . 38.05 -12.42 -5.48
C7 NAG N . 41.76 -8.84 -2.18
C8 NAG N . 42.60 -7.87 -1.35
N2 NAG N . 40.99 -9.68 -1.50
O3 NAG N . 41.94 -12.27 -2.43
O4 NAG N . 40.98 -12.92 -5.11
O5 NAG N . 38.26 -10.89 -3.66
O6 NAG N . 37.14 -11.62 -6.22
O7 NAG N . 41.84 -8.83 -3.40
C1 BMA N . 40.87 -14.29 -5.36
C2 BMA N . 41.52 -14.60 -6.71
C3 BMA N . 41.51 -16.11 -6.95
C4 BMA N . 42.21 -16.80 -5.79
C5 BMA N . 41.50 -16.43 -4.48
C6 BMA N . 42.14 -17.05 -3.26
O2 BMA N . 42.87 -14.14 -6.71
O3 BMA N . 42.16 -16.42 -8.17
O4 BMA N . 42.17 -18.21 -5.98
O5 BMA N . 41.53 -14.99 -4.31
O6 BMA N . 43.18 -16.24 -2.74
C1 NAG O . -1.39 37.00 -9.46
C2 NAG O . -1.46 36.03 -8.30
C3 NAG O . -2.90 36.00 -7.78
C4 NAG O . -3.38 37.43 -7.45
C5 NAG O . -3.06 38.43 -8.58
C6 NAG O . -3.26 39.88 -8.15
C7 NAG O . -0.20 34.03 -7.93
C8 NAG O . 0.22 32.66 -8.42
N2 NAG O . -1.03 34.72 -8.71
O3 NAG O . -2.96 35.18 -6.63
O4 NAG O . -4.81 37.42 -7.21
O5 NAG O . -1.69 38.32 -9.01
O6 NAG O . -2.55 40.77 -9.00
O7 NAG O . 0.20 34.45 -6.84
C1 NAG O . -5.29 36.45 -6.36
C2 NAG O . -6.02 37.10 -5.18
C3 NAG O . -6.66 36.04 -4.29
C4 NAG O . -7.49 35.06 -5.11
C5 NAG O . -6.70 34.53 -6.31
C6 NAG O . -7.56 33.69 -7.24
C7 NAG O . -5.39 39.12 -4.03
C8 NAG O . -4.34 39.86 -3.20
N2 NAG O . -5.08 37.88 -4.40
O3 NAG O . -7.49 36.66 -3.33
O4 NAG O . -7.87 33.96 -4.29
O5 NAG O . -6.20 35.63 -7.10
O6 NAG O . -8.76 34.35 -7.59
O7 NAG O . -6.44 39.67 -4.33
C1 NAG P . -1.41 30.25 -28.65
C2 NAG P . -2.81 29.88 -28.20
C3 NAG P . -2.70 28.76 -27.22
C4 NAG P . -2.03 27.57 -27.86
C5 NAG P . -0.69 28.00 -28.43
C6 NAG P . -0.04 26.88 -29.23
C7 NAG P . -4.03 31.97 -28.25
C8 NAG P . -4.76 33.03 -27.44
N2 NAG P . -3.48 30.99 -27.56
O3 NAG P . -3.99 28.43 -26.76
O4 NAG P . -1.84 26.53 -26.88
O5 NAG P . -0.83 29.12 -29.31
O6 NAG P . 0.92 27.39 -30.14
O7 NAG P . -3.91 32.11 -29.47
C1 NAG P . -2.81 25.54 -26.77
C2 NAG P . -2.31 24.47 -25.80
C3 NAG P . -3.41 23.48 -25.41
C4 NAG P . -4.43 24.40 -24.79
C5 NAG P . -5.02 25.25 -25.88
C6 NAG P . -6.24 26.03 -25.42
C7 NAG P . 0.07 24.13 -25.86
C8 NAG P . 1.26 23.37 -26.44
N2 NAG P . -1.14 23.78 -26.32
O3 NAG P . -2.91 22.56 -24.46
O4 NAG P . -5.43 23.81 -23.95
O5 NAG P . -4.01 26.18 -26.29
O6 NAG P . -6.13 27.43 -25.70
O7 NAG P . 0.25 25.00 -25.01
C1 BMA P . -5.93 22.53 -24.07
C2 BMA P . -5.18 21.61 -23.06
C3 BMA P . -5.90 20.29 -22.78
C4 BMA P . -7.38 20.53 -22.49
C5 BMA P . -8.01 21.44 -23.56
C6 BMA P . -9.44 21.82 -23.24
O2 BMA P . -5.01 22.29 -21.82
O3 BMA P . -5.30 19.64 -21.64
O4 BMA P . -8.07 19.26 -22.46
O5 BMA P . -7.29 22.67 -23.66
O6 BMA P . -9.55 22.46 -21.96
C1 BMA P . -4.40 18.57 -21.91
C2 BMA P . -2.96 19.10 -21.85
C3 BMA P . -1.99 17.95 -22.17
C4 BMA P . -2.22 16.79 -21.20
C5 BMA P . -3.69 16.35 -21.23
C6 BMA P . -4.05 15.28 -20.17
O2 BMA P . -2.69 19.62 -20.56
O3 BMA P . -0.64 18.41 -22.05
O4 BMA P . -1.38 15.70 -21.56
O5 BMA P . -4.57 17.49 -21.00
O6 BMA P . -2.91 14.76 -19.50
C1 BMA P . -8.74 18.92 -23.64
C2 BMA P . -8.80 17.40 -23.85
C3 BMA P . -9.55 17.11 -25.15
C4 BMA P . -10.91 17.85 -25.19
C5 BMA P . -10.74 19.32 -24.83
C6 BMA P . -12.05 20.08 -24.73
O2 BMA P . -9.45 16.77 -22.74
O3 BMA P . -9.77 15.71 -25.28
O4 BMA P . -11.48 17.74 -26.49
O5 BMA P . -10.08 19.45 -23.57
O6 BMA P . -11.85 21.38 -24.20
C1 NAG Q . 12.90 16.32 -26.36
C2 NAG Q . 13.41 15.51 -27.55
C3 NAG Q . 12.30 14.75 -28.24
C4 NAG Q . 11.69 13.82 -27.18
C5 NAG Q . 11.16 14.69 -26.02
C6 NAG Q . 10.46 13.92 -24.90
C7 NAG Q . 15.28 16.08 -28.96
C8 NAG Q . 15.96 17.08 -29.88
N2 NAG Q . 14.10 16.41 -28.46
O3 NAG Q . 12.86 14.00 -29.31
O4 NAG Q . 10.65 12.98 -27.74
O5 NAG Q . 12.25 15.44 -25.42
O6 NAG Q . 10.95 12.59 -24.79
O7 NAG Q . 15.80 14.99 -28.74
C1 NAG Q . 9.92 13.46 -28.83
C2 NAG Q . 10.03 12.48 -30.01
C3 NAG Q . 9.03 12.81 -31.12
C4 NAG Q . 7.63 12.96 -30.54
C5 NAG Q . 7.67 14.01 -29.44
C6 NAG Q . 6.32 14.26 -28.81
C7 NAG Q . 11.91 11.41 -31.10
C8 NAG Q . 13.32 11.53 -31.65
N2 NAG Q . 11.37 12.51 -30.56
O3 NAG Q . 9.04 11.79 -32.11
O4 NAG Q . 6.70 13.35 -31.56
O5 NAG Q . 8.56 13.58 -28.38
O6 NAG Q . 5.91 15.61 -29.00
O7 NAG Q . 11.32 10.33 -31.16
C1 BMA Q . 5.61 12.52 -31.73
C2 BMA Q . 4.65 13.12 -32.77
C3 BMA Q . 3.48 12.16 -33.00
C4 BMA Q . 4.00 10.79 -33.39
C5 BMA Q . 5.00 10.28 -32.35
C6 BMA Q . 5.64 8.96 -32.74
O2 BMA Q . 5.34 13.35 -33.98
O3 BMA Q . 2.63 12.67 -34.02
O4 BMA Q . 2.92 9.87 -33.50
O5 BMA Q . 6.07 11.23 -32.19
O6 BMA Q . 5.63 8.75 -34.15
C1 NAG R . -5.98 -37.38 0.28
C2 NAG R . -4.79 -36.51 0.72
C3 NAG R . -3.84 -36.29 -0.48
C4 NAG R . -3.56 -37.58 -1.29
C5 NAG R . -4.85 -38.37 -1.53
C6 NAG R . -4.58 -39.71 -2.16
C7 NAG R . -5.52 -35.05 2.50
C8 NAG R . -6.01 -33.67 2.93
N2 NAG R . -5.25 -35.22 1.21
O3 NAG R . -2.60 -35.77 0.01
O4 NAG R . -3.00 -37.24 -2.58
O5 NAG R . -5.53 -38.61 -0.30
O6 NAG R . -4.50 -39.60 -3.58
O7 NAG R . -5.40 -35.93 3.35
C1 NAG R . -1.84 -36.47 -2.63
C2 NAG R . -0.60 -37.38 -2.54
C3 NAG R . 0.68 -36.58 -2.84
C4 NAG R . 0.53 -35.85 -4.16
C5 NAG R . -0.70 -34.96 -4.10
C6 NAG R . -0.92 -34.18 -5.38
C7 NAG R . 0.09 -39.15 -1.05
C8 NAG R . 0.16 -39.69 0.37
N2 NAG R . -0.50 -37.96 -1.22
O3 NAG R . 1.79 -37.47 -2.90
O4 NAG R . 1.69 -35.06 -4.41
O5 NAG R . -1.87 -35.77 -3.89
O6 NAG R . -0.32 -34.84 -6.49
O7 NAG R . 0.56 -39.81 -1.98
C1 NAG S . -24.97 -32.92 -5.33
C2 NAG S . -24.22 -32.68 -6.60
C3 NAG S . -23.38 -31.44 -6.43
C4 NAG S . -24.29 -30.26 -6.09
C5 NAG S . -25.15 -30.61 -4.88
C6 NAG S . -26.18 -29.57 -4.57
C7 NAG S . -23.89 -34.80 -7.70
C8 NAG S . -22.98 -35.96 -8.04
N2 NAG S . -23.39 -33.82 -6.95
O3 NAG S . -22.65 -31.15 -7.61
O4 NAG S . -23.50 -29.11 -5.75
O5 NAG S . -25.85 -31.85 -5.09
O6 NAG S . -27.25 -30.14 -3.83
O7 NAG S . -25.06 -34.81 -8.09
C1 NAG S . -23.23 -28.13 -6.69
C2 NAG S . -22.70 -26.93 -5.89
C3 NAG S . -21.94 -25.93 -6.75
C4 NAG S . -20.85 -26.79 -7.30
C5 NAG S . -21.47 -27.72 -8.31
C6 NAG S . -20.40 -28.46 -9.05
C7 NAG S . -23.73 -26.32 -3.82
C8 NAG S . -24.85 -25.61 -3.06
N2 NAG S . -23.75 -26.26 -5.15
O3 NAG S . -21.40 -24.89 -5.94
O4 NAG S . -19.74 -26.03 -7.81
O5 NAG S . -22.25 -28.69 -7.60
O6 NAG S . -20.92 -29.05 -10.24
O7 NAG S . -22.88 -26.93 -3.19
C1 BMA S . -19.89 -25.17 -8.88
C2 BMA S . -19.30 -23.80 -8.44
C3 BMA S . -18.89 -22.92 -9.61
C4 BMA S . -18.06 -23.71 -10.61
C5 BMA S . -18.93 -24.86 -11.07
C6 BMA S . -18.33 -25.67 -12.21
O2 BMA S . -18.18 -24.00 -7.59
O3 BMA S . -18.13 -21.79 -9.11
O4 BMA S . -17.74 -22.87 -11.73
O5 BMA S . -19.14 -25.75 -9.97
O6 BMA S . -17.02 -25.22 -12.53
C1 BMA S . -18.86 -20.87 -8.34
C2 BMA S . -19.09 -21.44 -6.94
C3 BMA S . -19.94 -20.48 -6.13
C4 BMA S . -19.29 -19.09 -6.11
C5 BMA S . -19.00 -18.61 -7.54
C6 BMA S . -18.21 -17.32 -7.57
O2 BMA S . -17.84 -21.62 -6.29
O3 BMA S . -20.08 -20.96 -4.81
O4 BMA S . -20.16 -18.18 -5.47
O5 BMA S . -18.23 -19.61 -8.24
O6 BMA S . -16.84 -17.56 -7.87
C1 BMA S . -18.78 -22.68 -12.65
C2 BMA S . -18.90 -21.22 -13.06
C3 BMA S . -20.05 -21.08 -14.05
C4 BMA S . -19.84 -22.03 -15.23
C5 BMA S . -19.63 -23.45 -14.73
C6 BMA S . -19.32 -24.44 -15.84
O2 BMA S . -17.68 -20.79 -13.65
O3 BMA S . -20.15 -19.74 -14.52
O4 BMA S . -20.97 -21.99 -16.08
O5 BMA S . -18.53 -23.49 -13.80
O6 BMA S . -17.92 -24.64 -16.01
C1 NAG T . -27.19 -16.85 7.41
C2 NAG T . -26.80 -17.43 6.03
C3 NAG T . -26.94 -16.33 4.97
C4 NAG T . -28.35 -15.75 5.01
C5 NAG T . -28.68 -15.27 6.42
C6 NAG T . -30.08 -14.69 6.58
C7 NAG T . -25.15 -19.14 5.56
C8 NAG T . -23.71 -19.60 5.63
N2 NAG T . -25.44 -17.93 6.07
O3 NAG T . -26.66 -16.85 3.69
O4 NAG T . -28.47 -14.65 4.06
O5 NAG T . -28.55 -16.35 7.36
O6 NAG T . -31.03 -15.37 5.77
O7 NAG T . -26.01 -19.87 5.05
C1 NAG T . -29.52 -14.74 3.14
C2 NAG T . -30.21 -13.39 2.97
C3 NAG T . -31.29 -13.49 1.89
C4 NAG T . -30.73 -14.08 0.60
C5 NAG T . -29.97 -15.38 0.89
C6 NAG T . -29.27 -15.92 -0.34
C7 NAG T . -30.39 -11.85 4.82
C8 NAG T . -31.06 -11.48 6.14
N2 NAG T . -30.79 -12.96 4.23
O3 NAG T . -31.83 -12.21 1.64
O4 NAG T . -31.83 -14.35 -0.30
O5 NAG T . -28.96 -15.17 1.89
O6 NAG T . -29.12 -17.33 -0.27
O7 NAG T . -29.50 -11.12 4.37
C1 BMA T . -31.62 -14.09 -1.66
C2 BMA T . -32.57 -14.94 -2.51
C3 BMA T . -32.40 -14.59 -3.99
C4 BMA T . -32.58 -13.09 -4.19
C5 BMA T . -31.65 -12.32 -3.26
C6 BMA T . -31.84 -10.81 -3.36
O2 BMA T . -33.91 -14.72 -2.11
O3 BMA T . -33.37 -15.30 -4.75
O4 BMA T . -32.29 -12.76 -5.54
O5 BMA T . -31.89 -12.69 -1.88
O6 BMA T . -33.21 -10.46 -3.23
C1 NAG U . -6.01 -15.65 27.96
C2 NAG U . -5.23 -16.64 28.86
C3 NAG U . -4.52 -17.74 28.05
C4 NAG U . -5.45 -18.34 27.00
C5 NAG U . -5.99 -17.19 26.18
C6 NAG U . -6.79 -17.57 24.95
C7 NAG U . -4.32 -15.89 30.98
C8 NAG U . -3.26 -15.11 31.72
N2 NAG U . -4.25 -15.92 29.65
O3 NAG U . -4.09 -18.77 28.93
O4 NAG U . -4.75 -19.26 26.17
O5 NAG U . -6.81 -16.35 27.01
O6 NAG U . -6.37 -16.80 23.83
O7 NAG U . -5.23 -16.46 31.61
S SO4 V . -5.51 14.95 3.31
O1 SO4 V . -5.03 14.26 2.11
O2 SO4 V . -6.51 15.97 2.95
O3 SO4 V . -6.15 13.98 4.21
O4 SO4 V . -4.37 15.60 3.99
C1 NAG W . 27.08 17.73 -0.23
C2 NAG W . 27.73 18.92 0.50
C3 NAG W . 26.71 19.80 1.22
C4 NAG W . 25.53 20.11 0.31
C5 NAG W . 24.97 18.80 -0.25
C6 NAG W . 23.76 18.98 -1.13
C7 NAG W . 29.79 19.20 1.70
C8 NAG W . 30.80 18.65 2.72
N2 NAG W . 28.72 18.45 1.46
O3 NAG W . 27.33 21.01 1.62
O4 NAG W . 24.51 20.81 1.03
O5 NAG W . 25.99 18.16 -1.03
O6 NAG W . 22.71 18.09 -0.75
O7 NAG W . 30.01 20.27 1.14
C1 NAG X . 33.50 27.92 -17.65
C2 NAG X . 34.99 27.66 -17.43
C3 NAG X . 35.46 28.37 -16.15
C4 NAG X . 35.08 29.86 -16.23
C5 NAG X . 33.60 30.02 -16.55
C6 NAG X . 33.18 31.46 -16.75
C7 NAG X . 36.22 25.68 -18.05
C8 NAG X . 36.42 24.18 -17.90
N2 NAG X . 35.25 26.23 -17.33
O3 NAG X . 36.86 28.23 -16.01
O4 NAG X . 35.36 30.48 -14.98
O5 NAG X . 33.27 29.32 -17.77
O6 NAG X . 31.77 31.58 -16.79
O7 NAG X . 36.95 26.32 -18.81
C1 CIT Y . 7.64 13.65 6.86
O1 CIT Y . 7.89 14.29 7.74
O2 CIT Y . 7.06 12.61 6.95
C2 CIT Y . 7.99 14.01 5.43
C3 CIT Y . 6.93 13.88 4.32
O7 CIT Y . 5.71 13.25 4.81
C4 CIT Y . 6.54 15.29 3.82
C5 CIT Y . 5.70 15.29 2.57
O3 CIT Y . 6.16 15.98 1.52
O4 CIT Y . 4.68 14.72 2.50
C6 CIT Y . 7.51 13.04 3.25
O5 CIT Y . 7.46 11.78 3.40
O6 CIT Y . 8.03 13.58 2.25
C1 NAG Z . -23.47 -25.64 30.62
C2 NAG Z . -23.68 -25.06 32.02
C3 NAG Z . -22.57 -25.56 32.94
C4 NAG Z . -22.54 -27.09 32.93
C5 NAG Z . -22.46 -27.62 31.49
C6 NAG Z . -22.59 -29.12 31.43
C7 NAG Z . -24.77 -22.95 32.44
C8 NAG Z . -24.72 -21.44 32.37
N2 NAG Z . -23.70 -23.61 31.98
O3 NAG Z . -22.82 -25.10 34.27
O4 NAG Z . -21.41 -27.54 33.65
O5 NAG Z . -23.53 -27.07 30.69
O6 NAG Z . -22.37 -29.60 30.10
O7 NAG Z . -25.76 -23.52 32.89
C1 CIT AA . 6.43 -13.62 10.41
O1 CIT AA . 6.57 -14.69 10.67
O2 CIT AA . 7.33 -12.89 10.16
C2 CIT AA . 5.05 -12.92 10.34
C3 CIT AA . 4.31 -12.79 8.98
O7 CIT AA . 5.13 -12.11 7.99
C4 CIT AA . 4.02 -14.19 8.44
C5 CIT AA . 2.91 -14.24 7.41
O3 CIT AA . 1.67 -14.13 7.88
O4 CIT AA . 3.12 -14.39 6.24
C6 CIT AA . 3.06 -11.99 9.20
O5 CIT AA . 2.32 -11.73 8.20
O6 CIT AA . 2.77 -11.60 10.37
S SO4 BA . 5.96 -15.91 -4.26
O1 SO4 BA . 6.38 -16.42 -5.58
O2 SO4 BA . 4.61 -15.37 -4.34
O3 SO4 BA . 6.03 -17.00 -3.26
O4 SO4 BA . 6.86 -14.82 -3.86
#